data_2VHZ
#
_entry.id   2VHZ
#
_cell.length_a   140.991
_cell.length_b   140.991
_cell.length_c   140.991
_cell.angle_alpha   90.00
_cell.angle_beta   90.00
_cell.angle_gamma   90.00
#
_symmetry.space_group_name_H-M   'P 21 3'
#
loop_
_entity.id
_entity.type
_entity.pdbx_description
1 polymer 'ALANINE DEHYDROGENASE'
2 non-polymer '1,4-DIHYDRONICOTINAMIDE ADENINE DINUCLEOTIDE'
3 water water
#
_entity_poly.entity_id   1
_entity_poly.type   'polypeptide(L)'
_entity_poly.pdbx_seq_one_letter_code
;MRVGIPTETKNNEFRVAITPAGVAELTRRGHEVLIQAGAGEGSAITDADFKAAGAQLVGTADQVWADADLLLKVKEPIAA
EYGRLRHGQILFTFLHLAASRACTDALLDSGTTSIAYETVQTADGALPLLAPMSEVAGRLAAQVGAYHLMRTQGGRGVLM
GGVPGVEPADVVVIGAGTAGYNAARIANGMGATVTVLDINIDKLRQLDAEFCGRIHTRYSSAYELEGAVKRADLVIGAVL
VPGAKAPKLVSNSLVAHMKPGAVLVDIAIDQGGCFEGSRPTTYDHPTFAVHDTLFYCVANMPASVPKTSTYALTNATMPY
VLELADHGWRAACRSNPALAKGLSTHEGALLSERVATDLGVPFTEPASVLAHHHHHH
;
_entity_poly.pdbx_strand_id   A,B
#
loop_
_chem_comp.id
_chem_comp.type
_chem_comp.name
_chem_comp.formula
NAI non-polymer '1,4-DIHYDRONICOTINAMIDE ADENINE DINUCLEOTIDE' 'C21 H29 N7 O14 P2'
#
# COMPACT_ATOMS: atom_id res chain seq x y z
N MET A 1 38.42 -5.51 -20.45
CA MET A 1 37.95 -6.90 -20.24
C MET A 1 36.51 -7.05 -20.72
N ARG A 2 35.99 -8.27 -20.64
CA ARG A 2 34.58 -8.49 -20.95
C ARG A 2 33.73 -8.35 -19.67
N VAL A 3 32.75 -7.47 -19.72
CA VAL A 3 31.84 -7.29 -18.60
C VAL A 3 30.50 -7.86 -19.05
N GLY A 4 30.03 -8.88 -18.33
CA GLY A 4 28.80 -9.57 -18.67
C GLY A 4 27.68 -9.29 -17.66
N ILE A 5 26.46 -9.14 -18.18
CA ILE A 5 25.28 -8.94 -17.38
C ILE A 5 24.18 -9.88 -17.85
N PRO A 6 23.91 -10.93 -17.07
CA PRO A 6 22.84 -11.83 -17.44
C PRO A 6 21.49 -11.32 -16.92
N THR A 7 20.43 -11.93 -17.41
CA THR A 7 19.11 -11.66 -16.91
C THR A 7 19.01 -12.27 -15.53
N GLU A 8 18.41 -11.51 -14.61
CA GLU A 8 18.13 -12.00 -13.28
C GLU A 8 17.06 -13.10 -13.38
N THR A 9 17.19 -14.10 -12.50
CA THR A 9 16.35 -15.28 -12.58
C THR A 9 15.57 -15.55 -11.29
N LYS A 10 15.89 -14.85 -10.20
CA LYS A 10 15.14 -15.03 -8.97
C LYS A 10 13.70 -14.67 -9.26
N ASN A 11 12.78 -15.19 -8.46
CA ASN A 11 11.37 -14.91 -8.65
C ASN A 11 11.04 -13.41 -8.75
N ASN A 12 10.35 -13.04 -9.82
CA ASN A 12 9.88 -11.68 -10.02
C ASN A 12 10.99 -10.63 -9.93
N GLU A 13 12.21 -11.01 -10.29
CA GLU A 13 13.33 -10.09 -10.23
C GLU A 13 13.40 -9.24 -11.50
N PHE A 14 12.87 -8.04 -11.42
CA PHE A 14 12.81 -7.16 -12.59
C PHE A 14 13.99 -6.19 -12.73
N ARG A 15 14.87 -6.15 -11.73
CA ARG A 15 16.04 -5.27 -11.82
C ARG A 15 17.07 -5.81 -12.81
N VAL A 16 18.01 -4.95 -13.20
CA VAL A 16 19.20 -5.34 -13.98
C VAL A 16 20.43 -4.63 -13.38
N ALA A 17 21.62 -5.23 -13.50
CA ALA A 17 22.82 -4.70 -12.86
C ALA A 17 23.55 -3.56 -13.59
N ILE A 18 23.03 -3.12 -14.73
CA ILE A 18 23.62 -2.00 -15.46
C ILE A 18 22.57 -1.25 -16.29
N THR A 19 22.83 0.02 -16.57
CA THR A 19 21.97 0.79 -17.43
C THR A 19 22.77 1.18 -18.68
N PRO A 20 22.08 1.66 -19.72
CA PRO A 20 22.76 2.15 -20.95
C PRO A 20 23.90 3.12 -20.65
N ALA A 21 23.71 4.04 -19.70
CA ALA A 21 24.78 4.96 -19.36
C ALA A 21 26.03 4.28 -18.83
N GLY A 22 25.87 3.24 -17.99
CA GLY A 22 27.01 2.45 -17.51
C GLY A 22 27.70 1.68 -18.64
N VAL A 23 26.90 1.14 -19.56
CA VAL A 23 27.41 0.43 -20.75
C VAL A 23 28.27 1.38 -21.60
N ALA A 24 27.76 2.57 -21.84
CA ALA A 24 28.48 3.57 -22.62
C ALA A 24 29.81 3.93 -21.96
N GLU A 25 29.83 4.09 -20.63
CA GLU A 25 31.05 4.45 -19.92
C GLU A 25 32.05 3.30 -19.94
N LEU A 26 31.57 2.07 -19.83
CA LEU A 26 32.46 0.94 -19.91
C LEU A 26 33.14 0.86 -21.29
N THR A 27 32.36 1.10 -22.34
CA THR A 27 32.85 0.93 -23.70
C THR A 27 33.82 2.06 -24.03
N ARG A 28 33.52 3.28 -23.54
CA ARG A 28 34.42 4.42 -23.64
C ARG A 28 35.78 4.08 -23.06
N ARG A 29 35.83 3.21 -22.05
CA ARG A 29 37.10 2.84 -21.43
C ARG A 29 37.82 1.61 -22.03
N GLY A 30 37.34 1.15 -23.19
CA GLY A 30 37.95 -0.01 -23.89
C GLY A 30 37.46 -1.39 -23.46
N HIS A 31 36.32 -1.44 -22.76
CA HIS A 31 35.78 -2.71 -22.32
C HIS A 31 34.70 -3.26 -23.25
N GLU A 32 34.63 -4.59 -23.29
CA GLU A 32 33.61 -5.30 -24.05
C GLU A 32 32.44 -5.62 -23.10
N VAL A 33 31.24 -5.10 -23.41
CA VAL A 33 30.04 -5.33 -22.59
C VAL A 33 29.07 -6.32 -23.26
N LEU A 34 28.81 -7.43 -22.56
CA LEU A 34 27.97 -8.50 -23.06
C LEU A 34 26.73 -8.61 -22.19
N ILE A 35 25.56 -8.61 -22.81
CA ILE A 35 24.29 -8.60 -22.08
C ILE A 35 23.28 -9.57 -22.69
N GLN A 36 22.67 -10.35 -21.83
CA GLN A 36 21.67 -11.32 -22.26
C GLN A 36 20.47 -10.60 -22.84
N ALA A 37 20.06 -11.02 -24.03
CA ALA A 37 18.84 -10.51 -24.66
C ALA A 37 17.69 -10.59 -23.65
N GLY A 38 17.02 -9.46 -23.41
CA GLY A 38 15.91 -9.39 -22.47
C GLY A 38 16.25 -8.95 -21.04
N ALA A 39 17.53 -8.77 -20.73
CA ALA A 39 17.96 -8.54 -19.33
C ALA A 39 17.41 -7.25 -18.70
N GLY A 40 17.20 -6.23 -19.51
CA GLY A 40 16.78 -4.91 -19.06
C GLY A 40 15.29 -4.66 -19.17
N GLU A 41 14.56 -5.60 -19.76
CA GLU A 41 13.13 -5.39 -20.06
C GLU A 41 12.27 -5.14 -18.82
N GLY A 42 12.54 -5.87 -17.73
CA GLY A 42 11.87 -5.64 -16.43
C GLY A 42 12.01 -4.21 -15.94
N SER A 43 13.12 -3.57 -16.30
CA SER A 43 13.38 -2.20 -15.91
C SER A 43 13.08 -1.18 -17.02
N ALA A 44 12.35 -1.64 -18.04
CA ALA A 44 12.03 -0.89 -19.28
C ALA A 44 13.24 -0.41 -20.09
N ILE A 45 14.33 -1.17 -20.02
CA ILE A 45 15.50 -0.91 -20.86
C ILE A 45 15.49 -1.99 -21.95
N THR A 46 15.16 -1.59 -23.18
CA THR A 46 15.03 -2.56 -24.27
C THR A 46 16.40 -3.02 -24.74
N ASP A 47 16.46 -4.13 -25.47
CA ASP A 47 17.70 -4.62 -26.07
C ASP A 47 18.29 -3.54 -26.99
N ALA A 48 17.40 -2.82 -27.66
CA ALA A 48 17.79 -1.72 -28.53
C ALA A 48 18.48 -0.57 -27.76
N ASP A 49 18.00 -0.26 -26.55
CA ASP A 49 18.62 0.77 -25.70
C ASP A 49 20.05 0.36 -25.30
N PHE A 50 20.25 -0.91 -24.95
CA PHE A 50 21.57 -1.42 -24.56
C PHE A 50 22.50 -1.48 -25.78
N LYS A 51 21.94 -1.93 -26.93
CA LYS A 51 22.67 -1.97 -28.20
C LYS A 51 23.19 -0.59 -28.55
N ALA A 52 22.32 0.43 -28.49
CA ALA A 52 22.74 1.79 -28.84
C ALA A 52 23.82 2.34 -27.90
N ALA A 53 23.85 1.82 -26.68
CA ALA A 53 24.89 2.27 -25.75
C ALA A 53 26.22 1.55 -25.96
N GLY A 54 26.24 0.49 -26.77
CA GLY A 54 27.50 -0.18 -27.10
C GLY A 54 27.60 -1.64 -26.70
N ALA A 55 26.53 -2.18 -26.13
CA ALA A 55 26.56 -3.57 -25.68
C ALA A 55 26.41 -4.56 -26.84
N GLN A 56 27.06 -5.71 -26.66
CA GLN A 56 26.83 -6.91 -27.47
C GLN A 56 25.69 -7.71 -26.84
N LEU A 57 24.57 -7.81 -27.56
CA LEU A 57 23.43 -8.60 -27.07
C LEU A 57 23.61 -10.05 -27.43
N VAL A 58 23.60 -10.92 -26.41
CA VAL A 58 23.80 -12.34 -26.63
C VAL A 58 22.57 -13.16 -26.25
N GLY A 59 22.29 -14.21 -27.02
CA GLY A 59 21.05 -14.97 -26.90
C GLY A 59 20.86 -15.75 -25.62
N THR A 60 21.93 -16.27 -25.04
CA THR A 60 21.81 -17.16 -23.90
C THR A 60 22.59 -16.70 -22.68
N ALA A 61 22.15 -17.14 -21.52
CA ALA A 61 22.81 -16.91 -20.24
C ALA A 61 24.17 -17.60 -20.16
N ASP A 62 24.23 -18.86 -20.61
CA ASP A 62 25.47 -19.63 -20.61
C ASP A 62 26.66 -18.90 -21.27
N GLN A 63 26.38 -18.21 -22.37
CA GLN A 63 27.43 -17.47 -23.07
C GLN A 63 27.93 -16.29 -22.24
N VAL A 64 26.99 -15.53 -21.66
CA VAL A 64 27.36 -14.39 -20.83
C VAL A 64 28.31 -14.88 -19.76
N TRP A 65 27.89 -15.93 -19.04
CA TRP A 65 28.68 -16.48 -17.95
C TRP A 65 30.05 -17.01 -18.39
N ALA A 66 30.09 -17.70 -19.52
CA ALA A 66 31.33 -18.29 -20.04
C ALA A 66 32.33 -17.21 -20.47
N ASP A 67 31.82 -16.15 -21.10
CA ASP A 67 32.68 -15.14 -21.74
C ASP A 67 33.11 -13.99 -20.82
N ALA A 68 32.34 -13.72 -19.76
CA ALA A 68 32.61 -12.55 -18.92
C ALA A 68 33.81 -12.72 -17.98
N ASP A 69 34.70 -11.74 -18.01
CA ASP A 69 35.77 -11.65 -17.01
C ASP A 69 35.23 -11.05 -15.70
N LEU A 70 34.30 -10.11 -15.86
CA LEU A 70 33.60 -9.50 -14.73
C LEU A 70 32.12 -9.78 -14.91
N LEU A 71 31.53 -10.52 -14.00
CA LEU A 71 30.10 -10.77 -14.11
C LEU A 71 29.33 -9.95 -13.08
N LEU A 72 28.49 -9.03 -13.58
CA LEU A 72 27.63 -8.16 -12.77
C LEU A 72 26.20 -8.67 -12.66
N LYS A 73 25.73 -8.82 -11.43
CA LYS A 73 24.35 -9.27 -11.19
C LYS A 73 23.73 -8.42 -10.10
N VAL A 74 22.43 -8.61 -9.90
CA VAL A 74 21.76 -7.94 -8.80
C VAL A 74 21.70 -8.88 -7.60
N LYS A 75 21.17 -10.08 -7.79
CA LYS A 75 21.01 -11.01 -6.66
C LYS A 75 21.99 -12.17 -6.70
N GLU A 76 22.03 -12.92 -5.60
CA GLU A 76 22.96 -14.05 -5.45
C GLU A 76 22.65 -15.14 -6.47
N PRO A 77 23.67 -15.90 -6.91
CA PRO A 77 23.39 -17.05 -7.80
C PRO A 77 22.41 -18.01 -7.14
N ILE A 78 21.39 -18.45 -7.87
CA ILE A 78 20.51 -19.49 -7.38
C ILE A 78 20.94 -20.88 -7.90
N ALA A 79 20.28 -21.94 -7.41
CA ALA A 79 20.67 -23.33 -7.68
C ALA A 79 20.96 -23.63 -9.15
N ALA A 80 20.03 -23.21 -10.03
CA ALA A 80 20.16 -23.47 -11.47
C ALA A 80 21.36 -22.75 -12.10
N GLU A 81 21.94 -21.82 -11.36
CA GLU A 81 23.09 -21.06 -11.85
C GLU A 81 24.41 -21.53 -11.26
N TYR A 82 24.35 -22.42 -10.28
CA TYR A 82 25.56 -22.88 -9.59
C TYR A 82 26.58 -23.49 -10.56
N GLY A 83 26.07 -24.12 -11.61
CA GLY A 83 26.89 -24.75 -12.64
C GLY A 83 27.55 -23.75 -13.59
N ARG A 84 27.16 -22.48 -13.48
CA ARG A 84 27.71 -21.44 -14.34
C ARG A 84 28.87 -20.70 -13.69
N LEU A 85 28.97 -20.78 -12.37
CA LEU A 85 30.08 -20.17 -11.63
C LEU A 85 31.40 -20.76 -12.09
N ARG A 86 32.40 -19.92 -12.28
CA ARG A 86 33.69 -20.43 -12.75
C ARG A 86 34.89 -19.72 -12.12
N HIS A 87 35.93 -20.51 -11.91
CA HIS A 87 37.25 -20.01 -11.57
C HIS A 87 37.72 -19.04 -12.66
N GLY A 88 38.43 -17.99 -12.25
CA GLY A 88 38.97 -16.99 -13.17
C GLY A 88 38.04 -15.81 -13.45
N GLN A 89 36.80 -15.91 -13.00
CA GLN A 89 35.79 -14.86 -13.22
C GLN A 89 35.53 -14.10 -11.93
N ILE A 90 35.31 -12.79 -12.06
CA ILE A 90 34.90 -11.96 -10.92
C ILE A 90 33.38 -11.84 -10.92
N LEU A 91 32.76 -12.23 -9.81
CA LEU A 91 31.33 -12.03 -9.59
C LEU A 91 31.11 -10.86 -8.62
N PHE A 92 30.27 -9.90 -9.03
CA PHE A 92 29.99 -8.68 -8.25
C PHE A 92 28.47 -8.52 -8.18
N THR A 93 27.90 -8.81 -7.01
CA THR A 93 26.44 -8.88 -6.86
C THR A 93 26.09 -8.89 -5.37
N PHE A 94 24.80 -8.82 -5.03
CA PHE A 94 24.37 -9.10 -3.63
C PHE A 94 24.55 -10.59 -3.34
N LEU A 95 25.22 -10.94 -2.23
CA LEU A 95 25.47 -12.37 -1.95
C LEU A 95 24.71 -12.96 -0.74
N HIS A 96 24.73 -12.27 0.40
CA HIS A 96 24.02 -12.74 1.60
C HIS A 96 24.51 -14.15 2.04
N LEU A 97 25.82 -14.34 2.06
CA LEU A 97 26.40 -15.68 2.27
C LEU A 97 26.14 -16.22 3.66
N ALA A 98 26.07 -15.33 4.65
CA ALA A 98 25.81 -15.78 6.02
C ALA A 98 24.46 -16.46 6.12
N ALA A 99 23.60 -16.25 5.12
CA ALA A 99 22.26 -16.82 5.12
C ALA A 99 22.13 -18.09 4.25
N SER A 100 23.21 -18.48 3.57
CA SER A 100 23.13 -19.62 2.67
C SER A 100 24.43 -20.39 2.59
N ARG A 101 24.48 -21.48 3.33
CA ARG A 101 25.56 -22.45 3.20
C ARG A 101 25.64 -22.97 1.76
N ALA A 102 24.48 -23.24 1.15
CA ALA A 102 24.45 -23.80 -0.20
C ALA A 102 25.05 -22.87 -1.24
N CYS A 103 24.74 -21.57 -1.14
CA CYS A 103 25.30 -20.58 -2.06
C CYS A 103 26.80 -20.45 -1.82
N THR A 104 27.19 -20.32 -0.56
CA THR A 104 28.61 -20.22 -0.19
C THR A 104 29.41 -21.42 -0.72
N ASP A 105 28.90 -22.65 -0.51
CA ASP A 105 29.60 -23.84 -0.97
C ASP A 105 29.81 -23.80 -2.48
N ALA A 106 28.77 -23.39 -3.20
CA ALA A 106 28.82 -23.34 -4.67
C ALA A 106 29.92 -22.39 -5.14
N LEU A 107 30.00 -21.21 -4.52
CA LEU A 107 31.05 -20.25 -4.84
C LEU A 107 32.43 -20.83 -4.55
N LEU A 108 32.57 -21.44 -3.38
CA LEU A 108 33.84 -22.03 -2.94
C LEU A 108 34.27 -23.18 -3.86
N ASP A 109 33.34 -24.05 -4.21
CA ASP A 109 33.65 -25.23 -5.04
C ASP A 109 33.98 -24.84 -6.48
N SER A 110 33.41 -23.74 -6.95
CA SER A 110 33.67 -23.25 -8.31
C SER A 110 35.03 -22.58 -8.42
N GLY A 111 35.57 -22.12 -7.29
CA GLY A 111 36.83 -21.38 -7.27
C GLY A 111 36.73 -19.94 -7.79
N THR A 112 35.51 -19.46 -7.98
CA THR A 112 35.29 -18.11 -8.52
C THR A 112 35.75 -17.02 -7.52
N THR A 113 36.06 -15.85 -8.05
CA THR A 113 36.34 -14.68 -7.20
C THR A 113 35.06 -13.85 -7.07
N SER A 114 34.57 -13.69 -5.85
CA SER A 114 33.32 -12.98 -5.64
C SER A 114 33.46 -11.83 -4.66
N ILE A 115 32.79 -10.71 -4.97
CA ILE A 115 32.71 -9.52 -4.12
C ILE A 115 31.23 -9.21 -3.85
N ALA A 116 30.87 -8.99 -2.59
CA ALA A 116 29.47 -8.76 -2.25
C ALA A 116 29.20 -7.28 -2.18
N TYR A 117 28.20 -6.83 -2.93
CA TYR A 117 27.70 -5.45 -2.77
C TYR A 117 27.52 -5.07 -1.29
N GLU A 118 26.92 -5.96 -0.51
CA GLU A 118 26.42 -5.63 0.84
C GLU A 118 27.51 -5.56 1.94
N THR A 119 28.74 -5.93 1.59
CA THR A 119 29.85 -5.85 2.56
C THR A 119 30.93 -4.86 2.12
N VAL A 120 30.76 -4.25 0.95
CA VAL A 120 31.56 -3.08 0.56
C VAL A 120 31.26 -2.02 1.59
N GLN A 121 32.31 -1.47 2.20
CA GLN A 121 32.12 -0.65 3.41
C GLN A 121 33.17 0.43 3.53
N THR A 122 32.74 1.68 3.61
CA THR A 122 33.66 2.80 3.76
C THR A 122 34.14 2.95 5.20
N ALA A 123 35.12 3.81 5.41
CA ALA A 123 35.87 3.84 6.66
C ALA A 123 35.03 4.42 7.79
N ASP A 124 34.00 5.18 7.43
CA ASP A 124 32.97 5.58 8.38
C ASP A 124 32.02 4.43 8.81
N GLY A 125 32.24 3.23 8.25
CA GLY A 125 31.43 2.05 8.57
C GLY A 125 30.16 1.84 7.72
N ALA A 126 29.80 2.84 6.90
CA ALA A 126 28.65 2.74 5.98
C ALA A 126 28.82 1.73 4.85
N LEU A 127 27.68 1.20 4.41
CA LEU A 127 27.61 0.20 3.36
C LEU A 127 26.95 0.87 2.15
N PRO A 128 27.75 1.54 1.30
CA PRO A 128 27.20 2.44 0.27
C PRO A 128 26.42 1.73 -0.85
N LEU A 129 26.61 0.42 -1.02
CA LEU A 129 25.91 -0.31 -2.09
C LEU A 129 24.62 -0.98 -1.58
N LEU A 130 24.63 -1.39 -0.31
CA LEU A 130 23.41 -1.83 0.37
C LEU A 130 22.42 -0.67 0.60
N ALA A 131 22.93 0.49 1.00
CA ALA A 131 22.11 1.65 1.36
C ALA A 131 20.93 1.98 0.43
N PRO A 132 21.15 2.14 -0.90
CA PRO A 132 19.97 2.47 -1.70
C PRO A 132 18.91 1.37 -1.75
N MET A 133 19.31 0.11 -1.59
CA MET A 133 18.34 -0.97 -1.59
C MET A 133 17.61 -1.00 -0.25
N SER A 134 18.34 -0.74 0.83
CA SER A 134 17.71 -0.60 2.15
C SER A 134 16.70 0.55 2.15
N GLU A 135 17.01 1.63 1.44
CA GLU A 135 16.08 2.78 1.30
C GLU A 135 14.79 2.33 0.58
N VAL A 136 14.94 1.65 -0.57
CA VAL A 136 13.80 1.06 -1.27
C VAL A 136 12.98 0.09 -0.42
N ALA A 137 13.64 -0.89 0.18
CA ALA A 137 12.99 -1.90 0.98
C ALA A 137 12.26 -1.30 2.20
N GLY A 138 12.89 -0.31 2.85
CA GLY A 138 12.24 0.35 3.99
C GLY A 138 10.95 1.03 3.58
N ARG A 139 11.02 1.81 2.50
CA ARG A 139 9.82 2.48 2.02
C ARG A 139 8.75 1.48 1.58
N LEU A 140 9.17 0.39 0.92
CA LEU A 140 8.20 -0.65 0.52
C LEU A 140 7.55 -1.34 1.70
N ALA A 141 8.30 -1.58 2.77
CA ALA A 141 7.77 -2.27 3.95
C ALA A 141 6.53 -1.53 4.51
N ALA A 142 6.61 -0.20 4.55
CA ALA A 142 5.49 0.59 5.01
C ALA A 142 4.28 0.41 4.10
N GLN A 143 4.47 0.48 2.80
CA GLN A 143 3.33 0.44 1.89
C GLN A 143 2.74 -0.97 1.80
N VAL A 144 3.60 -1.97 1.89
CA VAL A 144 3.21 -3.37 1.83
C VAL A 144 2.54 -3.78 3.19
N GLY A 145 3.07 -3.29 4.30
CA GLY A 145 2.43 -3.49 5.60
C GLY A 145 1.02 -2.88 5.67
N ALA A 146 0.84 -1.67 5.14
CA ALA A 146 -0.46 -1.00 5.11
C ALA A 146 -1.48 -1.79 4.33
N TYR A 147 -1.04 -2.29 3.17
CA TYR A 147 -1.91 -3.08 2.30
C TYR A 147 -2.32 -4.37 2.97
N HIS A 148 -1.38 -5.05 3.62
CA HIS A 148 -1.71 -6.31 4.27
C HIS A 148 -2.48 -6.17 5.58
N LEU A 149 -2.54 -4.95 6.13
CA LEU A 149 -3.41 -4.65 7.27
C LEU A 149 -4.89 -4.61 6.90
N MET A 150 -5.18 -4.57 5.61
CA MET A 150 -6.57 -4.56 5.16
C MET A 150 -7.19 -5.91 5.41
N ARG A 151 -8.45 -5.90 5.86
CA ARG A 151 -9.21 -7.11 6.20
C ARG A 151 -9.29 -8.07 4.97
N THR A 152 -9.41 -7.47 3.80
CA THR A 152 -9.50 -8.22 2.55
C THR A 152 -8.21 -8.96 2.24
N GLN A 153 -7.14 -8.66 2.96
CA GLN A 153 -5.86 -9.34 2.78
C GLN A 153 -5.54 -10.29 3.94
N GLY A 154 -6.50 -10.46 4.85
CA GLY A 154 -6.31 -11.31 6.02
C GLY A 154 -5.88 -10.54 7.27
N GLY A 155 -5.61 -9.24 7.12
CA GLY A 155 -5.11 -8.46 8.24
C GLY A 155 -6.19 -8.00 9.19
N ARG A 156 -5.76 -7.26 10.21
CA ARG A 156 -6.62 -6.78 11.27
C ARG A 156 -7.78 -5.86 10.78
N GLY A 157 -7.63 -5.21 9.63
CA GLY A 157 -8.67 -4.30 9.14
C GLY A 157 -8.59 -2.90 9.74
N VAL A 158 -7.36 -2.39 9.85
CA VAL A 158 -7.09 -1.08 10.41
C VAL A 158 -6.42 -0.21 9.34
N LEU A 159 -6.92 1.01 9.17
CA LEU A 159 -6.29 1.98 8.26
C LEU A 159 -5.03 2.59 8.89
N MET A 160 -3.94 2.64 8.12
CA MET A 160 -2.66 3.18 8.60
C MET A 160 -2.78 4.43 9.45
N GLY A 161 -3.41 5.45 8.86
CA GLY A 161 -3.49 6.74 9.48
C GLY A 161 -4.76 7.01 10.27
N GLY A 162 -5.67 6.03 10.34
CA GLY A 162 -6.98 6.32 10.98
C GLY A 162 -7.67 7.41 10.21
N VAL A 163 -8.71 8.00 10.83
CA VAL A 163 -9.33 9.20 10.31
C VAL A 163 -9.67 10.02 11.57
N PRO A 164 -9.99 11.32 11.43
CA PRO A 164 -10.24 12.11 12.65
C PRO A 164 -11.25 11.47 13.62
N GLY A 165 -10.83 11.34 14.88
CA GLY A 165 -11.70 10.77 15.90
C GLY A 165 -11.50 9.26 16.08
N VAL A 166 -10.64 8.65 15.29
CA VAL A 166 -10.47 7.19 15.32
C VAL A 166 -9.00 6.81 15.28
N GLU A 167 -8.57 5.88 16.13
CA GLU A 167 -7.15 5.55 16.22
C GLU A 167 -6.46 5.08 14.92
N PRO A 168 -5.22 5.54 14.71
CA PRO A 168 -4.41 5.02 13.57
C PRO A 168 -3.77 3.68 13.89
N ALA A 169 -3.10 3.07 12.91
CA ALA A 169 -2.33 1.87 13.17
C ALA A 169 -1.11 2.15 14.07
N ASP A 170 -0.74 1.15 14.85
CA ASP A 170 0.43 1.19 15.70
C ASP A 170 1.55 0.42 14.98
N VAL A 171 2.60 1.14 14.57
CA VAL A 171 3.68 0.55 13.82
C VAL A 171 4.95 0.51 14.64
N VAL A 172 5.59 -0.66 14.68
CA VAL A 172 6.85 -0.85 15.39
C VAL A 172 7.96 -1.21 14.41
N VAL A 173 9.04 -0.45 14.42
CA VAL A 173 10.18 -0.70 13.55
C VAL A 173 11.35 -1.07 14.45
N ILE A 174 11.96 -2.22 14.16
CA ILE A 174 13.11 -2.67 14.91
C ILE A 174 14.33 -2.45 14.05
N GLY A 175 15.16 -1.50 14.50
CA GLY A 175 16.35 -1.07 13.78
C GLY A 175 16.10 0.33 13.27
N ALA A 176 17.02 1.25 13.60
CA ALA A 176 16.93 2.65 13.23
C ALA A 176 17.97 3.02 12.18
N GLY A 177 18.36 2.04 11.37
CA GLY A 177 19.36 2.28 10.34
C GLY A 177 18.65 2.71 9.08
N THR A 178 19.27 2.46 7.94
CA THR A 178 18.75 2.93 6.67
C THR A 178 17.33 2.42 6.38
N ALA A 179 17.14 1.10 6.46
CA ALA A 179 15.84 0.52 6.17
C ALA A 179 14.78 0.95 7.20
N GLY A 180 15.15 0.98 8.48
CA GLY A 180 14.18 1.27 9.54
C GLY A 180 13.75 2.73 9.51
N TYR A 181 14.72 3.62 9.33
CA TYR A 181 14.44 5.03 9.16
C TYR A 181 13.49 5.27 7.98
N ASN A 182 13.78 4.66 6.84
CA ASN A 182 12.89 4.78 5.69
C ASN A 182 11.49 4.19 5.89
N ALA A 183 11.40 3.02 6.51
CA ALA A 183 10.10 2.45 6.87
C ALA A 183 9.35 3.37 7.85
N ALA A 184 10.04 3.89 8.85
CA ALA A 184 9.39 4.76 9.84
C ALA A 184 8.88 6.05 9.19
N ARG A 185 9.70 6.63 8.33
CA ARG A 185 9.36 7.86 7.67
C ARG A 185 8.10 7.68 6.80
N ILE A 186 8.04 6.61 6.03
CA ILE A 186 6.87 6.44 5.17
C ILE A 186 5.63 6.09 6.02
N ALA A 187 5.80 5.19 6.99
CA ALA A 187 4.66 4.80 7.85
C ALA A 187 4.11 6.05 8.57
N ASN A 188 5.01 6.90 9.06
CA ASN A 188 4.62 8.14 9.71
C ASN A 188 3.91 9.07 8.71
N GLY A 189 4.44 9.14 7.48
CA GLY A 189 3.81 9.92 6.42
C GLY A 189 2.40 9.45 6.08
N MET A 190 2.15 8.15 6.25
CA MET A 190 0.80 7.59 6.05
C MET A 190 -0.11 7.83 7.28
N GLY A 191 0.45 8.45 8.32
CA GLY A 191 -0.33 8.82 9.51
C GLY A 191 -0.35 7.79 10.63
N ALA A 192 0.40 6.70 10.49
CA ALA A 192 0.53 5.73 11.59
C ALA A 192 1.31 6.29 12.79
N THR A 193 1.08 5.71 13.97
CA THR A 193 1.89 6.02 15.13
C THR A 193 3.08 5.08 15.08
N VAL A 194 4.28 5.64 14.97
CA VAL A 194 5.48 4.85 14.74
C VAL A 194 6.42 4.91 15.92
N THR A 195 6.84 3.73 16.35
CA THR A 195 7.84 3.57 17.39
C THR A 195 9.02 2.84 16.78
N VAL A 196 10.23 3.34 17.00
CA VAL A 196 11.42 2.71 16.42
C VAL A 196 12.33 2.30 17.58
N LEU A 197 12.83 1.07 17.54
CA LEU A 197 13.80 0.60 18.55
C LEU A 197 15.17 0.36 17.97
N ASP A 198 16.20 0.60 18.78
CA ASP A 198 17.57 0.26 18.40
C ASP A 198 18.38 0.14 19.70
N ILE A 199 19.47 -0.60 19.60
CA ILE A 199 20.45 -0.66 20.68
C ILE A 199 21.48 0.48 20.58
N ASN A 200 21.50 1.15 19.43
CA ASN A 200 22.37 2.28 19.22
C ASN A 200 21.60 3.57 19.47
N ILE A 201 21.87 4.20 20.61
CA ILE A 201 21.11 5.38 21.05
C ILE A 201 21.35 6.60 20.18
N ASP A 202 22.56 6.72 19.63
CA ASP A 202 22.90 7.72 18.63
C ASP A 202 21.92 7.78 17.46
N LYS A 203 21.53 6.62 16.95
CA LYS A 203 20.57 6.51 15.87
C LYS A 203 19.17 6.94 16.30
N LEU A 204 18.81 6.65 17.54
CA LEU A 204 17.52 7.11 18.07
C LEU A 204 17.50 8.61 18.26
N ARG A 205 18.63 9.15 18.74
CA ARG A 205 18.78 10.59 18.91
C ARG A 205 18.63 11.27 17.54
N GLN A 206 19.17 10.68 16.47
CA GLN A 206 19.07 11.27 15.13
C GLN A 206 17.62 11.30 14.64
N LEU A 207 16.90 10.18 14.81
CA LEU A 207 15.47 10.12 14.47
C LEU A 207 14.61 11.08 15.27
N ASP A 208 14.94 11.23 16.54
CA ASP A 208 14.22 12.13 17.41
C ASP A 208 14.32 13.56 16.92
N ALA A 209 15.50 13.93 16.44
CA ALA A 209 15.74 15.30 16.04
C ALA A 209 15.11 15.55 14.68
N GLU A 210 15.29 14.61 13.75
CA GLU A 210 14.74 14.75 12.39
C GLU A 210 13.23 14.92 12.37
N PHE A 211 12.52 14.21 13.25
CA PHE A 211 11.06 14.31 13.29
C PHE A 211 10.56 15.07 14.50
N CYS A 212 11.51 15.68 15.23
CA CYS A 212 11.21 16.40 16.46
C CYS A 212 10.22 15.63 17.33
N GLY A 213 10.54 14.36 17.58
CA GLY A 213 9.73 13.50 18.44
C GLY A 213 8.47 12.89 17.88
N ARG A 214 8.06 13.23 16.65
CA ARG A 214 6.83 12.64 16.09
C ARG A 214 6.99 11.13 15.89
N ILE A 215 8.19 10.69 15.53
CA ILE A 215 8.44 9.25 15.55
C ILE A 215 9.00 8.89 16.93
N HIS A 216 8.33 7.97 17.63
CA HIS A 216 8.73 7.59 18.99
C HIS A 216 9.99 6.74 18.91
N THR A 217 10.87 6.91 19.90
CA THR A 217 12.08 6.11 19.96
C THR A 217 12.19 5.39 21.31
N ARG A 218 12.53 4.10 21.26
CA ARG A 218 12.69 3.30 22.49
C ARG A 218 13.97 2.53 22.41
N TYR A 219 14.75 2.63 23.47
CA TYR A 219 15.95 1.80 23.57
C TYR A 219 15.49 0.35 23.53
N SER A 220 16.25 -0.49 22.82
CA SER A 220 15.80 -1.84 22.56
C SER A 220 16.18 -2.80 23.70
N SER A 221 15.61 -2.58 24.88
CA SER A 221 15.68 -3.57 25.95
C SER A 221 14.61 -4.62 25.69
N ALA A 222 14.80 -5.80 26.28
CA ALA A 222 13.81 -6.88 26.25
C ALA A 222 12.43 -6.38 26.63
N TYR A 223 12.34 -5.62 27.71
CA TYR A 223 11.08 -5.05 28.14
C TYR A 223 10.42 -4.14 27.07
N GLU A 224 11.19 -3.19 26.52
CA GLU A 224 10.59 -2.25 25.55
C GLU A 224 10.21 -2.97 24.26
N LEU A 225 11.08 -3.86 23.79
CA LEU A 225 10.84 -4.58 22.57
C LEU A 225 9.58 -5.46 22.67
N GLU A 226 9.51 -6.30 23.70
CA GLU A 226 8.35 -7.15 23.91
C GLU A 226 7.05 -6.36 24.05
N GLY A 227 7.11 -5.29 24.84
CA GLY A 227 5.94 -4.44 25.07
C GLY A 227 5.45 -3.78 23.78
N ALA A 228 6.39 -3.29 22.98
CA ALA A 228 6.01 -2.57 21.75
C ALA A 228 5.40 -3.56 20.76
N VAL A 229 5.99 -4.75 20.65
CA VAL A 229 5.52 -5.76 19.69
C VAL A 229 4.09 -6.24 20.02
N LYS A 230 3.79 -6.44 21.32
CA LYS A 230 2.44 -6.88 21.73
C LYS A 230 1.36 -5.86 21.38
N ARG A 231 1.72 -4.59 21.35
CA ARG A 231 0.79 -3.52 21.06
C ARG A 231 0.66 -3.22 19.55
N ALA A 232 1.57 -3.76 18.76
CA ALA A 232 1.71 -3.34 17.36
C ALA A 232 0.66 -3.96 16.44
N ASP A 233 0.15 -3.18 15.49
CA ASP A 233 -0.61 -3.71 14.34
C ASP A 233 0.31 -4.22 13.22
N LEU A 234 1.48 -3.60 13.15
CA LEU A 234 2.46 -3.87 12.11
C LEU A 234 3.84 -3.77 12.72
N VAL A 235 4.66 -4.80 12.49
CA VAL A 235 6.04 -4.83 12.93
C VAL A 235 6.95 -4.94 11.70
N ILE A 236 7.99 -4.12 11.66
CA ILE A 236 8.94 -4.13 10.55
C ILE A 236 10.30 -4.45 11.13
N GLY A 237 10.89 -5.57 10.70
CA GLY A 237 12.19 -6.01 11.19
C GLY A 237 13.29 -5.56 10.27
N ALA A 238 14.16 -4.68 10.78
CA ALA A 238 15.13 -4.00 9.94
C ALA A 238 16.51 -3.90 10.59
N VAL A 239 16.90 -4.92 11.34
CA VAL A 239 18.20 -4.90 12.01
C VAL A 239 19.25 -5.51 11.11
N LEU A 240 20.51 -5.18 11.40
CA LEU A 240 21.63 -5.69 10.62
C LEU A 240 22.88 -5.62 11.47
N VAL A 241 23.66 -6.69 11.43
CA VAL A 241 25.09 -6.62 11.75
C VAL A 241 25.83 -6.93 10.44
N PRO A 242 26.62 -5.97 9.93
CA PRO A 242 27.10 -6.09 8.55
C PRO A 242 27.73 -7.46 8.18
N GLY A 243 27.21 -8.07 7.12
CA GLY A 243 27.69 -9.37 6.63
C GLY A 243 27.35 -10.60 7.44
N ALA A 244 26.59 -10.39 8.52
CA ALA A 244 26.24 -11.44 9.48
C ALA A 244 24.82 -11.94 9.31
N LYS A 245 24.58 -13.15 9.79
CA LYS A 245 23.23 -13.68 9.90
C LYS A 245 22.48 -12.78 10.88
N ALA A 246 21.22 -12.48 10.59
CA ALA A 246 20.44 -11.59 11.46
C ALA A 246 20.19 -12.22 12.85
N PRO A 247 20.28 -11.42 13.92
CA PRO A 247 19.86 -11.95 15.23
C PRO A 247 18.36 -12.18 15.27
N LYS A 248 17.95 -13.20 16.01
CA LYS A 248 16.53 -13.50 16.16
C LYS A 248 15.98 -12.74 17.36
N LEU A 249 15.21 -11.71 17.06
CA LEU A 249 14.74 -10.78 18.08
C LEU A 249 13.27 -10.95 18.47
N VAL A 250 12.45 -11.52 17.59
CA VAL A 250 11.03 -11.70 17.88
C VAL A 250 10.72 -13.20 17.88
N SER A 251 10.48 -13.74 19.07
CA SER A 251 10.22 -15.18 19.23
C SER A 251 8.81 -15.50 18.77
N ASN A 252 8.61 -16.75 18.35
CA ASN A 252 7.27 -17.23 18.01
C ASN A 252 6.33 -17.18 19.22
N SER A 253 6.90 -17.32 20.40
CA SER A 253 6.16 -17.22 21.66
C SER A 253 5.60 -15.79 21.81
N LEU A 254 6.42 -14.81 21.47
CA LEU A 254 5.97 -13.40 21.51
C LEU A 254 4.89 -13.19 20.45
N VAL A 255 5.09 -13.72 19.25
CA VAL A 255 4.08 -13.64 18.19
C VAL A 255 2.71 -14.22 18.58
N ALA A 256 2.72 -15.30 19.37
CA ALA A 256 1.47 -15.88 19.88
C ALA A 256 0.66 -14.90 20.77
N HIS A 257 1.33 -13.89 21.33
CA HIS A 257 0.68 -12.91 22.21
C HIS A 257 0.22 -11.62 21.47
N MET A 258 0.48 -11.53 20.17
CA MET A 258 0.18 -10.33 19.40
C MET A 258 -1.30 -10.25 19.05
N LYS A 259 -1.79 -9.10 18.65
CA LYS A 259 -3.18 -8.97 18.21
C LYS A 259 -3.44 -9.80 16.93
N PRO A 260 -4.59 -10.48 16.86
CA PRO A 260 -4.95 -11.26 15.68
C PRO A 260 -5.03 -10.41 14.42
N GLY A 261 -4.38 -10.86 13.36
CA GLY A 261 -4.36 -10.10 12.12
C GLY A 261 -3.25 -9.03 12.02
N ALA A 262 -2.39 -8.94 13.02
CA ALA A 262 -1.19 -8.11 12.92
C ALA A 262 -0.32 -8.65 11.79
N VAL A 263 0.50 -7.76 11.24
CA VAL A 263 1.36 -8.05 10.11
C VAL A 263 2.80 -7.82 10.53
N LEU A 264 3.67 -8.74 10.14
CA LEU A 264 5.10 -8.60 10.41
C LEU A 264 5.91 -8.68 9.11
N VAL A 265 6.61 -7.60 8.79
CA VAL A 265 7.44 -7.56 7.61
C VAL A 265 8.91 -7.70 8.01
N ASP A 266 9.52 -8.81 7.59
CA ASP A 266 10.90 -9.09 7.95
C ASP A 266 11.80 -8.64 6.82
N ILE A 267 12.30 -7.41 6.89
CA ILE A 267 13.19 -6.90 5.84
C ILE A 267 14.52 -7.65 5.90
N ALA A 268 14.94 -8.00 7.11
CA ALA A 268 16.22 -8.67 7.37
C ALA A 268 16.22 -10.15 6.92
N ILE A 269 15.13 -10.60 6.29
CA ILE A 269 15.07 -11.94 5.72
C ILE A 269 16.24 -12.24 4.78
N ASP A 270 16.76 -11.23 4.07
CA ASP A 270 17.88 -11.48 3.15
C ASP A 270 19.13 -11.99 3.88
N GLN A 271 19.23 -11.67 5.18
CA GLN A 271 20.33 -12.13 6.01
C GLN A 271 19.90 -13.24 6.97
N GLY A 272 18.75 -13.87 6.69
CA GLY A 272 18.22 -14.97 7.52
C GLY A 272 16.97 -14.62 8.33
N GLY A 273 16.71 -13.33 8.53
CA GLY A 273 15.48 -12.92 9.22
C GLY A 273 15.71 -12.60 10.68
N CYS A 274 15.13 -11.51 11.17
CA CYS A 274 15.23 -11.21 12.60
C CYS A 274 14.04 -11.70 13.42
N PHE A 275 13.06 -12.32 12.76
CA PHE A 275 11.99 -13.01 13.49
C PHE A 275 12.27 -14.52 13.47
N GLU A 276 12.06 -15.14 14.63
CA GLU A 276 12.23 -16.58 14.77
C GLU A 276 11.39 -17.36 13.75
N GLY A 277 10.16 -16.92 13.52
CA GLY A 277 9.25 -17.59 12.59
C GLY A 277 9.47 -17.34 11.11
N SER A 278 10.45 -16.51 10.75
CA SER A 278 10.64 -16.15 9.34
C SER A 278 11.21 -17.23 8.43
N ARG A 279 10.67 -17.27 7.21
CA ARG A 279 11.25 -18.05 6.13
CA ARG A 279 11.22 -18.08 6.12
C ARG A 279 11.03 -17.30 4.82
N PRO A 280 11.95 -17.45 3.87
CA PRO A 280 11.79 -16.58 2.70
C PRO A 280 10.55 -16.87 1.85
N THR A 281 9.85 -15.81 1.47
CA THR A 281 8.72 -15.89 0.58
C THR A 281 9.08 -15.20 -0.73
N THR A 282 8.18 -15.25 -1.70
CA THR A 282 8.44 -14.58 -2.98
C THR A 282 7.31 -13.62 -3.27
N TYR A 283 7.49 -12.77 -4.28
CA TYR A 283 6.40 -11.87 -4.67
C TYR A 283 5.14 -12.61 -5.14
N ASP A 284 5.31 -13.81 -5.72
CA ASP A 284 4.17 -14.66 -6.06
C ASP A 284 3.37 -15.11 -4.83
N HIS A 285 4.05 -15.45 -3.75
CA HIS A 285 3.40 -15.90 -2.51
C HIS A 285 4.11 -15.26 -1.33
N PRO A 286 3.80 -13.97 -1.05
CA PRO A 286 4.62 -13.17 -0.14
C PRO A 286 4.42 -13.44 1.35
N THR A 287 3.24 -13.97 1.72
CA THR A 287 2.86 -14.06 3.11
C THR A 287 2.53 -15.49 3.54
N PHE A 288 2.66 -15.72 4.85
CA PHE A 288 2.14 -16.94 5.45
C PHE A 288 1.72 -16.63 6.88
N ALA A 289 0.98 -17.55 7.49
CA ALA A 289 0.46 -17.38 8.82
C ALA A 289 1.45 -17.85 9.88
N VAL A 290 1.67 -17.03 10.90
CA VAL A 290 2.24 -17.54 12.15
C VAL A 290 1.36 -17.15 13.30
N HIS A 291 0.88 -18.18 13.99
CA HIS A 291 -0.20 -18.05 14.94
C HIS A 291 -1.32 -17.27 14.29
N ASP A 292 -1.76 -16.18 14.90
CA ASP A 292 -2.85 -15.45 14.30
C ASP A 292 -2.38 -14.21 13.52
N THR A 293 -1.11 -14.20 13.16
CA THR A 293 -0.53 -13.07 12.44
C THR A 293 -0.13 -13.49 11.03
N LEU A 294 0.24 -12.49 10.22
CA LEU A 294 0.65 -12.66 8.84
C LEU A 294 2.10 -12.20 8.72
N PHE A 295 2.97 -13.08 8.24
CA PHE A 295 4.38 -12.76 8.03
C PHE A 295 4.62 -12.43 6.55
N TYR A 296 5.45 -11.44 6.29
CA TYR A 296 5.83 -11.05 4.94
C TYR A 296 7.36 -11.10 4.93
N CYS A 297 7.95 -11.96 4.09
CA CYS A 297 9.40 -12.25 4.15
C CYS A 297 10.10 -12.30 2.79
N VAL A 298 9.96 -11.22 2.02
CA VAL A 298 10.50 -11.21 0.65
C VAL A 298 11.94 -10.71 0.65
N ALA A 299 12.85 -11.55 0.15
CA ALA A 299 14.30 -11.26 0.17
C ALA A 299 14.79 -10.43 -1.01
N ASN A 300 13.87 -10.04 -1.89
CA ASN A 300 14.23 -9.16 -3.01
C ASN A 300 13.18 -8.09 -3.22
N MET A 301 12.84 -7.40 -2.13
CA MET A 301 11.76 -6.41 -2.14
C MET A 301 11.92 -5.37 -3.25
N PRO A 302 13.13 -4.81 -3.46
CA PRO A 302 13.22 -3.74 -4.49
C PRO A 302 12.90 -4.15 -5.92
N ALA A 303 12.78 -5.45 -6.16
CA ALA A 303 12.49 -6.00 -7.50
C ALA A 303 11.15 -5.49 -8.05
N SER A 304 10.22 -5.18 -7.16
CA SER A 304 8.88 -4.79 -7.59
C SER A 304 8.79 -3.36 -8.11
N VAL A 305 9.83 -2.56 -7.87
CA VAL A 305 9.86 -1.15 -8.31
C VAL A 305 11.17 -0.89 -9.10
N PRO A 306 11.40 -1.70 -10.16
CA PRO A 306 12.67 -1.66 -10.89
C PRO A 306 12.96 -0.31 -11.53
N LYS A 307 11.93 0.45 -11.93
CA LYS A 307 12.18 1.78 -12.50
C LYS A 307 12.89 2.68 -11.49
N THR A 308 12.56 2.54 -10.19
CA THR A 308 13.28 3.22 -9.12
C THR A 308 14.61 2.49 -8.74
N SER A 309 14.53 1.19 -8.49
CA SER A 309 15.62 0.53 -7.81
C SER A 309 16.80 0.16 -8.71
N THR A 310 16.54 -0.10 -9.99
CA THR A 310 17.65 -0.36 -10.90
C THR A 310 18.58 0.87 -10.92
N TYR A 311 17.98 2.05 -11.06
CA TYR A 311 18.77 3.27 -11.10
C TYR A 311 19.44 3.58 -9.77
N ALA A 312 18.70 3.45 -8.67
CA ALA A 312 19.26 3.69 -7.34
C ALA A 312 20.48 2.82 -7.09
N LEU A 313 20.41 1.56 -7.51
CA LEU A 313 21.47 0.63 -7.29
C LEU A 313 22.67 1.01 -8.15
N THR A 314 22.44 1.22 -9.44
CA THR A 314 23.54 1.47 -10.38
C THR A 314 24.19 2.84 -10.20
N ASN A 315 23.42 3.85 -9.77
CA ASN A 315 24.04 5.11 -9.35
C ASN A 315 25.18 4.86 -8.34
N ALA A 316 24.94 3.96 -7.40
CA ALA A 316 25.92 3.60 -6.35
C ALA A 316 27.02 2.61 -6.84
N THR A 317 26.67 1.58 -7.56
CA THR A 317 27.65 0.53 -7.89
C THR A 317 28.65 0.96 -8.98
N MET A 318 28.19 1.79 -9.91
CA MET A 318 28.98 2.03 -11.11
C MET A 318 30.45 2.47 -10.90
N PRO A 319 30.71 3.41 -9.96
CA PRO A 319 32.13 3.76 -9.76
C PRO A 319 32.97 2.57 -9.36
N TYR A 320 32.37 1.59 -8.66
CA TYR A 320 33.09 0.40 -8.23
C TYR A 320 33.28 -0.56 -9.40
N VAL A 321 32.24 -0.69 -10.24
CA VAL A 321 32.30 -1.48 -11.47
C VAL A 321 33.43 -1.01 -12.39
N LEU A 322 33.57 0.30 -12.53
CA LEU A 322 34.59 0.91 -13.39
C LEU A 322 36.00 0.66 -12.89
N GLU A 323 36.21 0.71 -11.57
CA GLU A 323 37.49 0.37 -10.94
C GLU A 323 37.87 -1.09 -11.17
N LEU A 324 36.89 -1.98 -10.97
CA LEU A 324 37.09 -3.43 -11.18
C LEU A 324 37.39 -3.78 -12.64
N ALA A 325 36.71 -3.11 -13.56
CA ALA A 325 36.96 -3.36 -14.97
C ALA A 325 38.32 -2.80 -15.40
N ASP A 326 38.65 -1.57 -15.00
CA ASP A 326 39.91 -0.94 -15.41
C ASP A 326 41.16 -1.66 -14.92
N HIS A 327 41.11 -2.16 -13.68
CA HIS A 327 42.32 -2.60 -12.98
C HIS A 327 42.29 -4.06 -12.53
N GLY A 328 41.12 -4.70 -12.64
CA GLY A 328 40.95 -6.06 -12.15
C GLY A 328 40.80 -6.08 -10.63
N TRP A 329 40.35 -7.22 -10.09
CA TRP A 329 39.96 -7.27 -8.67
C TRP A 329 41.10 -6.98 -7.68
N ARG A 330 42.28 -7.54 -7.97
CA ARG A 330 43.40 -7.45 -7.03
C ARG A 330 43.86 -6.00 -6.86
N ALA A 331 44.12 -5.31 -7.98
CA ALA A 331 44.55 -3.92 -7.94
C ALA A 331 43.45 -2.96 -7.49
N ALA A 332 42.21 -3.21 -7.91
CA ALA A 332 41.09 -2.41 -7.44
C ALA A 332 40.94 -2.55 -5.91
N CYS A 333 40.98 -3.76 -5.40
CA CYS A 333 40.86 -3.95 -3.96
C CYS A 333 42.05 -3.43 -3.17
N ARG A 334 43.26 -3.54 -3.75
CA ARG A 334 44.46 -2.93 -3.15
C ARG A 334 44.32 -1.42 -3.04
N SER A 335 43.76 -0.79 -4.07
CA SER A 335 43.62 0.65 -4.11
C SER A 335 42.47 1.19 -3.28
N ASN A 336 41.46 0.35 -3.06
CA ASN A 336 40.20 0.76 -2.41
C ASN A 336 39.80 -0.20 -1.29
N PRO A 337 40.14 0.15 -0.04
CA PRO A 337 39.82 -0.63 1.16
C PRO A 337 38.32 -0.93 1.29
N ALA A 338 37.48 0.04 0.91
CA ALA A 338 36.03 -0.15 0.95
C ALA A 338 35.62 -1.31 0.05
N LEU A 339 36.07 -1.29 -1.20
CA LEU A 339 35.85 -2.39 -2.14
C LEU A 339 36.36 -3.71 -1.58
N ALA A 340 37.59 -3.70 -1.05
CA ALA A 340 38.22 -4.91 -0.50
C ALA A 340 37.41 -5.59 0.60
N LYS A 341 36.60 -4.81 1.33
CA LYS A 341 35.75 -5.37 2.38
C LYS A 341 34.60 -6.21 1.84
N GLY A 342 34.29 -6.03 0.57
CA GLY A 342 33.27 -6.83 -0.09
C GLY A 342 33.80 -8.19 -0.52
N LEU A 343 35.13 -8.34 -0.58
CA LEU A 343 35.76 -9.62 -0.92
C LEU A 343 35.14 -10.78 -0.14
N SER A 344 34.66 -11.79 -0.86
CA SER A 344 33.92 -12.89 -0.23
C SER A 344 34.58 -14.26 -0.48
N THR A 345 34.87 -14.57 -1.74
CA THR A 345 35.55 -15.83 -2.07
C THR A 345 36.66 -15.62 -3.08
N HIS A 346 37.63 -16.54 -3.08
CA HIS A 346 38.65 -16.58 -4.13
C HIS A 346 39.32 -17.94 -4.08
N GLU A 347 39.18 -18.69 -5.17
CA GLU A 347 39.81 -20.01 -5.36
C GLU A 347 39.61 -21.01 -4.21
N GLY A 348 38.37 -21.05 -3.70
CA GLY A 348 37.98 -21.99 -2.67
C GLY A 348 38.19 -21.49 -1.27
N ALA A 349 38.72 -20.27 -1.13
CA ALA A 349 38.93 -19.66 0.17
C ALA A 349 37.81 -18.66 0.52
N LEU A 350 37.28 -18.79 1.73
CA LEU A 350 36.28 -17.86 2.22
C LEU A 350 36.91 -16.67 2.94
N LEU A 351 36.65 -15.45 2.45
CA LEU A 351 37.39 -14.26 2.85
C LEU A 351 36.67 -13.32 3.83
N SER A 352 35.50 -13.73 4.32
CA SER A 352 34.78 -12.94 5.31
C SER A 352 34.77 -13.68 6.62
N GLU A 353 35.30 -13.05 7.67
CA GLU A 353 35.35 -13.67 8.99
C GLU A 353 33.96 -13.89 9.58
N ARG A 354 33.08 -12.92 9.37
CA ARG A 354 31.73 -12.97 9.94
C ARG A 354 30.91 -14.09 9.31
N VAL A 355 30.99 -14.21 7.98
CA VAL A 355 30.36 -15.31 7.27
C VAL A 355 30.91 -16.66 7.75
N ALA A 356 32.24 -16.78 7.85
CA ALA A 356 32.90 -18.02 8.26
C ALA A 356 32.44 -18.49 9.66
N THR A 357 32.38 -17.54 10.59
CA THR A 357 31.85 -17.76 11.94
C THR A 357 30.41 -18.25 11.89
N ASP A 358 29.55 -17.56 11.14
CA ASP A 358 28.11 -17.88 11.10
C ASP A 358 27.80 -19.25 10.47
N LEU A 359 28.62 -19.65 9.50
CA LEU A 359 28.40 -20.91 8.82
C LEU A 359 29.21 -22.06 9.44
N GLY A 360 30.19 -21.73 10.27
CA GLY A 360 31.05 -22.74 10.90
C GLY A 360 32.00 -23.33 9.88
N VAL A 361 32.71 -22.45 9.20
CA VAL A 361 33.50 -22.80 8.05
C VAL A 361 34.86 -22.08 8.15
N PRO A 362 35.94 -22.69 7.62
CA PRO A 362 37.26 -22.06 7.79
C PRO A 362 37.36 -20.67 7.15
N PHE A 363 37.98 -19.76 7.89
CA PHE A 363 38.22 -18.40 7.42
C PHE A 363 39.66 -18.26 6.96
N THR A 364 39.85 -17.55 5.85
CA THR A 364 41.17 -17.17 5.38
C THR A 364 41.26 -15.66 5.19
N GLU A 365 42.37 -15.08 5.65
CA GLU A 365 42.57 -13.64 5.64
C GLU A 365 42.60 -13.07 4.22
N PRO A 366 41.84 -11.98 3.98
CA PRO A 366 41.84 -11.38 2.64
C PRO A 366 43.16 -10.70 2.28
N ALA A 367 43.89 -10.23 3.29
CA ALA A 367 45.20 -9.62 3.06
C ALA A 367 46.17 -10.60 2.42
N SER A 368 45.98 -11.89 2.70
CA SER A 368 46.78 -12.96 2.12
C SER A 368 46.63 -13.10 0.60
N VAL A 369 45.40 -12.94 0.10
CA VAL A 369 45.17 -13.07 -1.35
C VAL A 369 45.41 -11.77 -2.12
N LEU A 370 45.61 -10.68 -1.38
CA LEU A 370 45.87 -9.35 -1.94
C LEU A 370 47.36 -8.98 -1.90
N ALA A 371 48.10 -9.58 -0.96
CA ALA A 371 49.57 -9.45 -0.92
C ALA A 371 50.24 -10.02 -2.18
N MET B 1 -39.38 2.39 19.07
CA MET B 1 -39.63 1.58 17.85
C MET B 1 -38.61 0.45 17.76
N ARG B 2 -38.78 -0.41 16.76
CA ARG B 2 -37.79 -1.45 16.47
C ARG B 2 -36.75 -0.97 15.44
N VAL B 3 -35.49 -1.00 15.84
CA VAL B 3 -34.39 -0.61 14.95
C VAL B 3 -33.64 -1.88 14.59
N GLY B 4 -33.57 -2.16 13.29
CA GLY B 4 -32.97 -3.38 12.78
C GLY B 4 -31.68 -3.13 12.03
N ILE B 5 -30.71 -4.00 12.23
CA ILE B 5 -29.44 -3.97 11.56
C ILE B 5 -29.10 -5.36 10.99
N PRO B 6 -29.24 -5.52 9.67
CA PRO B 6 -28.87 -6.78 9.07
C PRO B 6 -27.37 -6.84 8.76
N THR B 7 -26.89 -8.04 8.48
CA THR B 7 -25.55 -8.23 8.00
C THR B 7 -25.45 -7.63 6.60
N GLU B 8 -24.39 -6.86 6.39
CA GLU B 8 -24.08 -6.38 5.04
C GLU B 8 -23.77 -7.57 4.13
N THR B 9 -24.19 -7.47 2.87
CA THR B 9 -24.06 -8.56 1.91
C THR B 9 -23.25 -8.20 0.65
N LYS B 10 -22.93 -6.93 0.46
CA LYS B 10 -22.11 -6.54 -0.68
C LYS B 10 -20.78 -7.27 -0.55
N ASN B 11 -20.12 -7.48 -1.66
CA ASN B 11 -18.86 -8.18 -1.66
C ASN B 11 -17.85 -7.59 -0.67
N ASN B 12 -17.32 -8.45 0.19
CA ASN B 12 -16.29 -8.10 1.15
C ASN B 12 -16.68 -6.95 2.06
N GLU B 13 -17.98 -6.80 2.31
CA GLU B 13 -18.43 -5.70 3.14
C GLU B 13 -18.35 -6.10 4.61
N PHE B 14 -17.30 -5.62 5.29
CA PHE B 14 -17.08 -6.00 6.69
C PHE B 14 -17.59 -4.97 7.69
N ARG B 15 -18.08 -3.81 7.20
CA ARG B 15 -18.66 -2.82 8.12
C ARG B 15 -20.02 -3.27 8.66
N VAL B 16 -20.45 -2.60 9.73
CA VAL B 16 -21.81 -2.76 10.27
C VAL B 16 -22.35 -1.37 10.64
N ALA B 17 -23.67 -1.18 10.59
CA ALA B 17 -24.26 0.14 10.76
C ALA B 17 -24.45 0.63 12.20
N ILE B 18 -24.06 -0.18 13.19
CA ILE B 18 -24.16 0.23 14.59
C ILE B 18 -23.09 -0.48 15.42
N THR B 19 -22.71 0.10 16.56
CA THR B 19 -21.79 -0.52 17.47
C THR B 19 -22.55 -0.75 18.79
N PRO B 20 -21.96 -1.55 19.71
CA PRO B 20 -22.57 -1.77 21.04
C PRO B 20 -22.97 -0.46 21.73
N ALA B 21 -22.12 0.56 21.67
CA ALA B 21 -22.46 1.82 22.29
C ALA B 21 -23.75 2.42 21.75
N GLY B 22 -23.95 2.35 20.43
CA GLY B 22 -25.20 2.84 19.81
C GLY B 22 -26.42 2.02 20.21
N VAL B 23 -26.22 0.70 20.28
CA VAL B 23 -27.26 -0.24 20.76
C VAL B 23 -27.71 0.12 22.19
N ALA B 24 -26.74 0.33 23.07
CA ALA B 24 -27.00 0.70 24.45
C ALA B 24 -27.79 2.01 24.57
N GLU B 25 -27.46 3.00 23.74
CA GLU B 25 -28.15 4.30 23.80
C GLU B 25 -29.56 4.19 23.24
N LEU B 26 -29.75 3.41 22.19
CA LEU B 26 -31.09 3.19 21.68
C LEU B 26 -31.99 2.50 22.72
N THR B 27 -31.44 1.52 23.44
CA THR B 27 -32.22 0.75 24.39
C THR B 27 -32.53 1.62 25.62
N ARG B 28 -31.55 2.42 26.05
CA ARG B 28 -31.75 3.41 27.11
C ARG B 28 -32.94 4.32 26.78
N ARG B 29 -33.22 4.49 25.49
CA ARG B 29 -34.31 5.38 25.05
C ARG B 29 -35.66 4.69 24.79
N GLY B 30 -35.76 3.41 25.16
CA GLY B 30 -37.02 2.66 25.00
C GLY B 30 -37.21 1.98 23.64
N HIS B 31 -36.13 1.89 22.87
CA HIS B 31 -36.21 1.23 21.57
C HIS B 31 -35.80 -0.23 21.62
N GLU B 32 -36.39 -1.01 20.71
CA GLU B 32 -36.05 -2.41 20.55
C GLU B 32 -35.02 -2.53 19.40
N VAL B 33 -33.83 -3.03 19.71
CA VAL B 33 -32.76 -3.20 18.70
C VAL B 33 -32.62 -4.68 18.24
N LEU B 34 -32.84 -4.92 16.95
CA LEU B 34 -32.75 -6.25 16.36
C LEU B 34 -31.56 -6.34 15.43
N ILE B 35 -30.73 -7.37 15.60
CA ILE B 35 -29.48 -7.49 14.84
C ILE B 35 -29.25 -8.92 14.38
N GLN B 36 -28.99 -9.07 13.09
CA GLN B 36 -28.76 -10.38 12.52
C GLN B 36 -27.48 -10.99 13.10
N ALA B 37 -27.59 -12.25 13.52
CA ALA B 37 -26.46 -13.00 14.04
C ALA B 37 -25.30 -12.95 13.03
N GLY B 38 -24.13 -12.52 13.51
CA GLY B 38 -22.95 -12.38 12.67
C GLY B 38 -22.67 -10.99 12.07
N ALA B 39 -23.62 -10.06 12.22
CA ALA B 39 -23.55 -8.78 11.51
C ALA B 39 -22.31 -7.91 11.83
N GLY B 40 -21.81 -8.03 13.06
CA GLY B 40 -20.70 -7.24 13.55
C GLY B 40 -19.34 -7.92 13.48
N GLU B 41 -19.31 -9.20 13.08
CA GLU B 41 -18.08 -10.00 13.11
C GLU B 41 -16.96 -9.46 12.21
N GLY B 42 -17.31 -8.98 11.02
CA GLY B 42 -16.39 -8.26 10.13
C GLY B 42 -15.68 -7.11 10.83
N SER B 43 -16.37 -6.43 11.74
CA SER B 43 -15.81 -5.31 12.48
C SER B 43 -15.30 -5.68 13.87
N ALA B 44 -15.15 -6.98 14.11
CA ALA B 44 -14.74 -7.57 15.41
C ALA B 44 -15.70 -7.28 16.58
N ILE B 45 -16.99 -7.13 16.27
CA ILE B 45 -18.04 -6.97 17.27
C ILE B 45 -18.79 -8.30 17.29
N THR B 46 -18.59 -9.10 18.34
CA THR B 46 -19.22 -10.41 18.46
C THR B 46 -20.72 -10.28 18.75
N ASP B 47 -21.49 -11.34 18.49
CA ASP B 47 -22.90 -11.39 18.88
C ASP B 47 -23.05 -11.14 20.38
N ALA B 48 -22.12 -11.71 21.14
CA ALA B 48 -22.07 -11.49 22.59
C ALA B 48 -21.90 -10.02 22.97
N ASP B 49 -21.03 -9.29 22.25
CA ASP B 49 -20.85 -7.84 22.48
C ASP B 49 -22.17 -7.08 22.25
N PHE B 50 -22.88 -7.41 21.18
CA PHE B 50 -24.15 -6.75 20.86
C PHE B 50 -25.23 -7.14 21.88
N LYS B 51 -25.24 -8.42 22.27
CA LYS B 51 -26.15 -8.96 23.28
C LYS B 51 -25.99 -8.21 24.59
N ALA B 52 -24.75 -8.05 25.07
CA ALA B 52 -24.48 -7.32 26.32
C ALA B 52 -24.92 -5.86 26.26
N ALA B 53 -24.91 -5.29 25.06
CA ALA B 53 -25.38 -3.91 24.91
C ALA B 53 -26.91 -3.79 24.89
N GLY B 54 -27.62 -4.91 24.68
CA GLY B 54 -29.09 -4.90 24.77
C GLY B 54 -29.83 -5.32 23.51
N ALA B 55 -29.09 -5.73 22.49
CA ALA B 55 -29.70 -6.14 21.23
C ALA B 55 -30.37 -7.50 21.33
N GLN B 56 -31.41 -7.69 20.54
CA GLN B 56 -31.94 -9.02 20.25
C GLN B 56 -31.25 -9.58 19.01
N LEU B 57 -30.53 -10.68 19.19
CA LEU B 57 -29.86 -11.35 18.08
C LEU B 57 -30.82 -12.28 17.36
N VAL B 58 -31.03 -12.02 16.08
CA VAL B 58 -31.96 -12.82 15.29
C VAL B 58 -31.22 -13.63 14.22
N GLY B 59 -31.72 -14.85 13.98
CA GLY B 59 -31.05 -15.80 13.11
C GLY B 59 -30.98 -15.44 11.65
N THR B 60 -32.00 -14.76 11.14
CA THR B 60 -32.10 -14.52 9.70
C THR B 60 -32.28 -13.05 9.35
N ALA B 61 -31.86 -12.71 8.13
CA ALA B 61 -32.05 -11.38 7.55
C ALA B 61 -33.52 -11.03 7.31
N ASP B 62 -34.28 -12.00 6.80
CA ASP B 62 -35.71 -11.80 6.51
C ASP B 62 -36.47 -11.25 7.72
N GLN B 63 -36.15 -11.77 8.92
CA GLN B 63 -36.80 -11.31 10.14
C GLN B 63 -36.44 -9.87 10.50
N VAL B 64 -35.14 -9.53 10.36
CA VAL B 64 -34.68 -8.18 10.66
C VAL B 64 -35.45 -7.21 9.79
N TRP B 65 -35.47 -7.49 8.48
CA TRP B 65 -36.16 -6.64 7.52
C TRP B 65 -37.67 -6.57 7.79
N ALA B 66 -38.29 -7.70 8.13
CA ALA B 66 -39.74 -7.74 8.35
C ALA B 66 -40.14 -6.98 9.62
N ASP B 67 -39.34 -7.12 10.67
CA ASP B 67 -39.69 -6.60 11.99
C ASP B 67 -39.27 -5.14 12.24
N ALA B 68 -38.23 -4.66 11.57
CA ALA B 68 -37.70 -3.32 11.83
C ALA B 68 -38.59 -2.17 11.33
N ASP B 69 -38.85 -1.21 12.20
CA ASP B 69 -39.46 0.08 11.81
C ASP B 69 -38.41 1.02 11.19
N LEU B 70 -37.18 0.94 11.70
CA LEU B 70 -36.07 1.72 11.15
C LEU B 70 -35.00 0.70 10.80
N LEU B 71 -34.69 0.59 9.52
CA LEU B 71 -33.66 -0.32 9.10
C LEU B 71 -32.38 0.45 8.79
N LEU B 72 -31.32 0.15 9.55
CA LEU B 72 -30.00 0.76 9.43
C LEU B 72 -29.02 -0.13 8.68
N LYS B 73 -28.43 0.39 7.61
CA LYS B 73 -27.44 -0.36 6.85
C LYS B 73 -26.27 0.55 6.51
N VAL B 74 -25.22 -0.06 5.95
CA VAL B 74 -24.06 0.70 5.48
C VAL B 74 -24.23 0.98 4.00
N LYS B 75 -24.44 -0.07 3.20
CA LYS B 75 -24.51 0.09 1.75
C LYS B 75 -25.94 -0.02 1.19
N GLU B 76 -26.10 0.30 -0.10
CA GLU B 76 -27.40 0.30 -0.77
C GLU B 76 -27.92 -1.12 -0.88
N PRO B 77 -29.25 -1.29 -0.87
CA PRO B 77 -29.81 -2.64 -1.11
C PRO B 77 -29.29 -3.20 -2.43
N ILE B 78 -28.88 -4.47 -2.45
CA ILE B 78 -28.53 -5.13 -3.71
C ILE B 78 -29.68 -6.04 -4.19
N ALA B 79 -29.57 -6.56 -5.42
CA ALA B 79 -30.66 -7.29 -6.08
C ALA B 79 -31.35 -8.32 -5.18
N ALA B 80 -30.56 -9.13 -4.48
CA ALA B 80 -31.08 -10.18 -3.60
C ALA B 80 -31.86 -9.65 -2.39
N GLU B 81 -31.77 -8.33 -2.16
CA GLU B 81 -32.47 -7.69 -1.05
C GLU B 81 -33.70 -6.89 -1.51
N TYR B 82 -33.83 -6.68 -2.81
CA TYR B 82 -34.94 -5.86 -3.34
C TYR B 82 -36.29 -6.37 -2.86
N GLY B 83 -36.38 -7.68 -2.66
CA GLY B 83 -37.60 -8.29 -2.16
C GLY B 83 -37.87 -8.05 -0.70
N ARG B 84 -36.85 -7.58 0.03
CA ARG B 84 -37.01 -7.34 1.47
C ARG B 84 -37.50 -5.94 1.78
N LEU B 85 -37.35 -5.02 0.81
CA LEU B 85 -37.80 -3.64 0.97
C LEU B 85 -39.32 -3.60 1.16
N ARG B 86 -39.77 -2.80 2.11
CA ARG B 86 -41.20 -2.75 2.39
C ARG B 86 -41.70 -1.35 2.70
N HIS B 87 -42.97 -1.13 2.38
CA HIS B 87 -43.71 0.05 2.75
C HIS B 87 -43.85 0.15 4.26
N GLY B 88 -43.79 1.36 4.79
CA GLY B 88 -43.97 1.59 6.23
C GLY B 88 -42.71 1.40 7.07
N GLN B 89 -41.59 1.17 6.38
CA GLN B 89 -40.28 1.02 7.03
C GLN B 89 -39.39 2.16 6.58
N ILE B 90 -38.55 2.64 7.49
CA ILE B 90 -37.55 3.64 7.16
C ILE B 90 -36.21 2.94 6.90
N LEU B 91 -35.64 3.18 5.72
CA LEU B 91 -34.30 2.71 5.40
C LEU B 91 -33.30 3.88 5.46
N PHE B 92 -32.21 3.68 6.22
CA PHE B 92 -31.18 4.70 6.45
C PHE B 92 -29.82 4.06 6.17
N THR B 93 -29.21 4.44 5.04
CA THR B 93 -28.00 3.79 4.52
C THR B 93 -27.38 4.64 3.39
N PHE B 94 -26.19 4.29 2.91
CA PHE B 94 -25.68 4.88 1.65
C PHE B 94 -26.54 4.38 0.50
N LEU B 95 -27.01 5.28 -0.38
CA LEU B 95 -27.88 4.85 -1.47
C LEU B 95 -27.28 4.96 -2.88
N HIS B 96 -26.66 6.10 -3.19
CA HIS B 96 -26.04 6.32 -4.52
C HIS B 96 -27.03 6.13 -5.70
N LEU B 97 -28.23 6.68 -5.56
CA LEU B 97 -29.33 6.38 -6.49
C LEU B 97 -29.10 6.93 -7.88
N ALA B 98 -28.40 8.05 -7.98
CA ALA B 98 -28.10 8.63 -9.29
C ALA B 98 -27.29 7.66 -10.14
N ALA B 99 -26.67 6.68 -9.49
CA ALA B 99 -25.83 5.71 -10.18
C ALA B 99 -26.52 4.36 -10.41
N SER B 100 -27.78 4.23 -9.99
CA SER B 100 -28.50 2.96 -10.19
C SER B 100 -29.98 3.13 -10.35
N ARG B 101 -30.42 3.08 -11.61
CA ARG B 101 -31.84 3.02 -11.93
C ARG B 101 -32.52 1.81 -11.25
N ALA B 102 -31.85 0.66 -11.24
CA ALA B 102 -32.41 -0.57 -10.68
C ALA B 102 -32.68 -0.47 -9.20
N CYS B 103 -31.72 0.07 -8.45
CA CYS B 103 -31.89 0.28 -7.01
C CYS B 103 -33.02 1.26 -6.74
N THR B 104 -33.01 2.40 -7.46
CA THR B 104 -34.04 3.43 -7.33
C THR B 104 -35.43 2.84 -7.58
N ASP B 105 -35.59 2.10 -8.68
CA ASP B 105 -36.88 1.48 -9.03
C ASP B 105 -37.37 0.60 -7.89
N ALA B 106 -36.45 -0.18 -7.32
CA ALA B 106 -36.82 -1.14 -6.28
C ALA B 106 -37.34 -0.43 -5.04
N LEU B 107 -36.67 0.67 -4.68
CA LEU B 107 -37.12 1.51 -3.59
C LEU B 107 -38.51 2.09 -3.90
N LEU B 108 -38.65 2.68 -5.08
CA LEU B 108 -39.93 3.27 -5.50
C LEU B 108 -41.08 2.24 -5.57
N ASP B 109 -40.80 1.07 -6.16
CA ASP B 109 -41.82 0.03 -6.30
C ASP B 109 -42.23 -0.57 -4.94
N SER B 110 -41.30 -0.57 -3.99
CA SER B 110 -41.60 -1.12 -2.66
C SER B 110 -42.45 -0.16 -1.82
N GLY B 111 -42.41 1.13 -2.15
CA GLY B 111 -43.12 2.13 -1.36
C GLY B 111 -42.43 2.50 -0.03
N THR B 112 -41.20 2.02 0.16
CA THR B 112 -40.46 2.28 1.40
C THR B 112 -40.07 3.77 1.54
N THR B 113 -39.84 4.18 2.77
CA THR B 113 -39.27 5.51 3.05
C THR B 113 -37.75 5.37 3.22
N SER B 114 -36.99 6.01 2.34
CA SER B 114 -35.55 5.92 2.37
C SER B 114 -34.88 7.28 2.54
N ILE B 115 -33.80 7.30 3.33
CA ILE B 115 -32.97 8.48 3.56
C ILE B 115 -31.51 8.10 3.28
N ALA B 116 -30.84 8.87 2.44
CA ALA B 116 -29.46 8.57 2.05
C ALA B 116 -28.50 9.28 2.97
N TYR B 117 -27.59 8.51 3.57
CA TYR B 117 -26.46 9.11 4.30
C TYR B 117 -25.80 10.25 3.51
N GLU B 118 -25.57 10.01 2.22
CA GLU B 118 -24.68 10.83 1.41
C GLU B 118 -25.31 12.15 0.93
N THR B 119 -26.60 12.34 1.21
CA THR B 119 -27.25 13.61 0.85
C THR B 119 -27.80 14.36 2.08
N VAL B 120 -27.59 13.78 3.25
CA VAL B 120 -27.75 14.52 4.49
C VAL B 120 -26.75 15.66 4.41
N GLN B 121 -27.22 16.88 4.61
CA GLN B 121 -26.41 18.06 4.28
C GLN B 121 -26.70 19.26 5.15
N THR B 122 -25.68 19.77 5.83
CA THR B 122 -25.85 20.90 6.72
C THR B 122 -25.85 22.22 5.96
N ALA B 123 -26.10 23.32 6.68
CA ALA B 123 -26.43 24.58 6.05
C ALA B 123 -25.20 25.19 5.37
N ASP B 124 -24.02 24.74 5.78
CA ASP B 124 -22.77 25.18 5.16
C ASP B 124 -22.49 24.41 3.87
N GLY B 125 -23.40 23.51 3.53
CA GLY B 125 -23.24 22.67 2.32
C GLY B 125 -22.49 21.34 2.50
N ALA B 126 -21.87 21.15 3.69
CA ALA B 126 -21.16 19.91 4.04
C ALA B 126 -22.06 18.66 4.17
N LEU B 127 -21.46 17.51 3.88
CA LEU B 127 -22.14 16.24 3.89
C LEU B 127 -21.52 15.43 5.04
N PRO B 128 -22.08 15.58 6.26
CA PRO B 128 -21.42 15.07 7.48
C PRO B 128 -21.39 13.55 7.61
N LEU B 129 -22.24 12.84 6.88
CA LEU B 129 -22.27 11.37 6.95
C LEU B 129 -21.39 10.74 5.85
N LEU B 130 -21.32 11.40 4.70
CA LEU B 130 -20.37 11.00 3.66
C LEU B 130 -18.92 11.29 4.09
N ALA B 131 -18.69 12.42 4.77
CA ALA B 131 -17.33 12.88 5.08
C ALA B 131 -16.38 11.81 5.68
N PRO B 132 -16.78 11.11 6.75
CA PRO B 132 -15.82 10.14 7.29
C PRO B 132 -15.47 9.01 6.33
N MET B 133 -16.41 8.63 5.45
CA MET B 133 -16.12 7.59 4.49
C MET B 133 -15.24 8.14 3.36
N SER B 134 -15.49 9.39 2.97
CA SER B 134 -14.60 10.07 2.01
C SER B 134 -13.15 10.15 2.55
N GLU B 135 -13.02 10.38 3.85
CA GLU B 135 -11.69 10.43 4.51
C GLU B 135 -11.02 9.07 4.41
N VAL B 136 -11.73 8.01 4.79
CA VAL B 136 -11.22 6.63 4.60
C VAL B 136 -10.85 6.28 3.16
N ALA B 137 -11.76 6.51 2.24
CA ALA B 137 -11.54 6.17 0.84
C ALA B 137 -10.36 6.95 0.25
N GLY B 138 -10.25 8.23 0.60
CA GLY B 138 -9.12 9.04 0.13
C GLY B 138 -7.77 8.46 0.58
N ARG B 139 -7.66 8.17 1.87
CA ARG B 139 -6.43 7.62 2.40
C ARG B 139 -6.14 6.25 1.78
N LEU B 140 -7.19 5.44 1.60
CA LEU B 140 -7.01 4.14 0.95
C LEU B 140 -6.55 4.28 -0.49
N ALA B 141 -7.10 5.25 -1.22
CA ALA B 141 -6.72 5.42 -2.62
C ALA B 141 -5.19 5.54 -2.79
N ALA B 142 -4.56 6.30 -1.89
CA ALA B 142 -3.12 6.48 -1.93
C ALA B 142 -2.39 5.15 -1.70
N GLN B 143 -2.84 4.38 -0.72
CA GLN B 143 -2.11 3.18 -0.34
C GLN B 143 -2.33 2.08 -1.37
N VAL B 144 -3.55 2.03 -1.89
CA VAL B 144 -3.92 1.08 -2.92
C VAL B 144 -3.25 1.45 -4.27
N GLY B 145 -3.23 2.74 -4.61
CA GLY B 145 -2.49 3.20 -5.77
C GLY B 145 -0.99 2.87 -5.73
N ALA B 146 -0.35 3.09 -4.57
CA ALA B 146 1.07 2.79 -4.39
C ALA B 146 1.34 1.30 -4.58
N TYR B 147 0.46 0.46 -4.02
CA TYR B 147 0.62 -1.00 -4.17
C TYR B 147 0.48 -1.45 -5.61
N HIS B 148 -0.48 -0.89 -6.33
CA HIS B 148 -0.68 -1.32 -7.70
C HIS B 148 0.31 -0.75 -8.71
N LEU B 149 1.07 0.27 -8.28
CA LEU B 149 2.20 0.78 -9.06
C LEU B 149 3.38 -0.18 -9.11
N MET B 150 3.37 -1.19 -8.24
CA MET B 150 4.43 -2.19 -8.22
C MET B 150 4.33 -3.05 -9.47
N ARG B 151 5.48 -3.34 -10.06
CA ARG B 151 5.59 -4.13 -11.29
C ARG B 151 4.90 -5.51 -11.12
N THR B 152 5.01 -6.06 -9.91
CA THR B 152 4.45 -7.35 -9.58
C THR B 152 2.93 -7.33 -9.60
N GLN B 153 2.33 -6.15 -9.64
CA GLN B 153 0.87 -5.99 -9.73
C GLN B 153 0.43 -5.55 -11.14
N GLY B 154 1.38 -5.46 -12.06
CA GLY B 154 1.07 -5.02 -13.42
C GLY B 154 1.28 -3.53 -13.63
N GLY B 155 1.70 -2.81 -12.57
CA GLY B 155 1.92 -1.38 -12.68
C GLY B 155 3.27 -1.03 -13.28
N ARG B 156 3.50 0.27 -13.39
CA ARG B 156 4.69 0.82 -13.99
C ARG B 156 6.01 0.38 -13.33
N GLY B 157 5.98 0.03 -12.04
CA GLY B 157 7.16 -0.38 -11.32
C GLY B 157 7.93 0.79 -10.73
N VAL B 158 7.18 1.77 -10.22
CA VAL B 158 7.77 2.99 -9.64
C VAL B 158 7.44 3.05 -8.14
N LEU B 159 8.43 3.38 -7.32
CA LEU B 159 8.19 3.53 -5.89
C LEU B 159 7.58 4.92 -5.61
N MET B 160 6.52 4.93 -4.80
CA MET B 160 5.78 6.15 -4.48
C MET B 160 6.67 7.37 -4.20
N GLY B 161 7.59 7.22 -3.26
CA GLY B 161 8.44 8.32 -2.88
C GLY B 161 9.82 8.35 -3.51
N GLY B 162 10.10 7.44 -4.45
CA GLY B 162 11.48 7.37 -4.99
C GLY B 162 12.45 7.08 -3.85
N VAL B 163 13.75 7.32 -4.09
CA VAL B 163 14.77 7.29 -3.05
C VAL B 163 15.74 8.40 -3.44
N PRO B 164 16.63 8.84 -2.51
CA PRO B 164 17.51 9.97 -2.87
C PRO B 164 18.24 9.78 -4.20
N GLY B 165 18.07 10.76 -5.08
CA GLY B 165 18.75 10.75 -6.38
C GLY B 165 17.88 10.18 -7.49
N VAL B 166 16.71 9.67 -7.15
CA VAL B 166 15.83 9.03 -8.13
C VAL B 166 14.40 9.57 -8.00
N GLU B 167 13.76 9.87 -9.13
CA GLU B 167 12.45 10.49 -9.09
C GLU B 167 11.33 9.69 -8.42
N PRO B 168 10.46 10.37 -7.65
CA PRO B 168 9.28 9.75 -7.04
C PRO B 168 8.15 9.59 -8.03
N ALA B 169 7.06 8.91 -7.64
CA ALA B 169 5.88 8.83 -8.48
C ALA B 169 5.23 10.20 -8.62
N ASP B 170 4.57 10.39 -9.76
CA ASP B 170 3.82 11.59 -10.06
C ASP B 170 2.33 11.23 -9.85
N VAL B 171 1.72 11.85 -8.84
CA VAL B 171 0.33 11.57 -8.48
C VAL B 171 -0.56 12.76 -8.80
N VAL B 172 -1.67 12.49 -9.47
CA VAL B 172 -2.65 13.53 -9.79
C VAL B 172 -3.97 13.21 -9.13
N VAL B 173 -4.51 14.16 -8.39
CA VAL B 173 -5.78 13.99 -7.69
C VAL B 173 -6.76 14.97 -8.31
N ILE B 174 -7.88 14.46 -8.78
CA ILE B 174 -8.91 15.31 -9.33
C ILE B 174 -10.02 15.48 -8.31
N GLY B 175 -10.13 16.70 -7.77
CA GLY B 175 -11.05 17.04 -6.72
C GLY B 175 -10.26 17.30 -5.45
N ALA B 176 -10.47 18.48 -4.86
CA ALA B 176 -9.78 18.92 -3.66
C ALA B 176 -10.75 18.93 -2.47
N GLY B 177 -11.75 18.07 -2.50
CA GLY B 177 -12.68 17.99 -1.38
C GLY B 177 -12.17 17.00 -0.35
N THR B 178 -13.07 16.42 0.42
CA THR B 178 -12.68 15.50 1.49
C THR B 178 -11.81 14.33 1.00
N ALA B 179 -12.29 13.59 -0.01
CA ALA B 179 -11.54 12.41 -0.48
C ALA B 179 -10.22 12.83 -1.13
N GLY B 180 -10.26 13.92 -1.89
CA GLY B 180 -9.08 14.34 -2.67
C GLY B 180 -7.99 14.85 -1.76
N TYR B 181 -8.36 15.70 -0.82
CA TYR B 181 -7.46 16.18 0.23
C TYR B 181 -6.80 15.02 0.98
N ASN B 182 -7.61 14.05 1.41
CA ASN B 182 -7.07 12.88 2.10
C ASN B 182 -6.16 12.00 1.25
N ALA B 183 -6.56 11.77 0.00
CA ALA B 183 -5.67 11.09 -0.95
C ALA B 183 -4.35 11.84 -1.16
N ALA B 184 -4.41 13.16 -1.34
CA ALA B 184 -3.21 13.97 -1.56
C ALA B 184 -2.28 13.95 -0.34
N ARG B 185 -2.88 14.10 0.83
CA ARG B 185 -2.13 14.13 2.04
C ARG B 185 -1.36 12.80 2.25
N ILE B 186 -2.01 11.67 2.04
CA ILE B 186 -1.28 10.41 2.26
C ILE B 186 -0.23 10.16 1.16
N ALA B 187 -0.60 10.44 -0.08
CA ALA B 187 0.33 10.28 -1.20
C ALA B 187 1.57 11.15 -1.00
N ASN B 188 1.36 12.39 -0.56
CA ASN B 188 2.46 13.28 -0.23
C ASN B 188 3.31 12.73 0.92
N GLY B 189 2.65 12.16 1.93
CA GLY B 189 3.32 11.58 3.09
C GLY B 189 4.15 10.36 2.70
N MET B 190 3.71 9.64 1.67
CA MET B 190 4.52 8.57 1.10
C MET B 190 5.67 9.07 0.20
N GLY B 191 5.79 10.40 0.05
CA GLY B 191 6.87 11.01 -0.72
C GLY B 191 6.61 11.22 -2.22
N ALA B 192 5.40 10.92 -2.69
CA ALA B 192 5.05 11.24 -4.09
C ALA B 192 4.96 12.75 -4.38
N THR B 193 5.15 13.14 -5.64
CA THR B 193 4.90 14.51 -6.01
C THR B 193 3.44 14.56 -6.36
N VAL B 194 2.69 15.41 -5.66
CA VAL B 194 1.23 15.41 -5.78
C VAL B 194 0.70 16.72 -6.36
N THR B 195 -0.15 16.58 -7.36
CA THR B 195 -0.87 17.68 -7.94
C THR B 195 -2.35 17.47 -7.77
N VAL B 196 -3.05 18.49 -7.27
CA VAL B 196 -4.50 18.40 -7.06
C VAL B 196 -5.21 19.42 -7.96
N LEU B 197 -6.25 18.99 -8.66
CA LEU B 197 -7.06 19.90 -9.48
C LEU B 197 -8.46 20.03 -8.94
N ASP B 198 -9.00 21.24 -9.07
CA ASP B 198 -10.39 21.50 -8.76
C ASP B 198 -10.87 22.71 -9.58
N ILE B 199 -12.18 22.80 -9.76
CA ILE B 199 -12.80 23.99 -10.31
C ILE B 199 -13.10 25.03 -9.22
N ASN B 200 -13.06 24.61 -7.96
CA ASN B 200 -13.24 25.53 -6.85
C ASN B 200 -11.88 26.03 -6.35
N ILE B 201 -11.56 27.28 -6.66
CA ILE B 201 -10.23 27.85 -6.33
C ILE B 201 -10.02 28.01 -4.82
N ASP B 202 -11.09 28.30 -4.09
CA ASP B 202 -11.07 28.33 -2.63
C ASP B 202 -10.48 27.04 -2.01
N LYS B 203 -10.87 25.89 -2.54
CA LYS B 203 -10.36 24.61 -2.08
C LYS B 203 -8.87 24.44 -2.39
N LEU B 204 -8.44 24.93 -3.54
CA LEU B 204 -7.03 24.92 -3.87
C LEU B 204 -6.21 25.86 -2.97
N ARG B 205 -6.76 27.04 -2.67
CA ARG B 205 -6.11 27.94 -1.69
C ARG B 205 -5.90 27.28 -0.35
N GLN B 206 -6.94 26.57 0.11
CA GLN B 206 -6.90 25.89 1.42
C GLN B 206 -5.78 24.85 1.40
N LEU B 207 -5.72 24.03 0.36
CA LEU B 207 -4.63 23.04 0.22
C LEU B 207 -3.26 23.65 0.13
N ASP B 208 -3.17 24.79 -0.57
CA ASP B 208 -1.91 25.48 -0.70
C ASP B 208 -1.38 25.98 0.65
N ALA B 209 -2.30 26.43 1.48
CA ALA B 209 -1.93 27.00 2.79
C ALA B 209 -1.53 25.88 3.74
N GLU B 210 -2.35 24.83 3.78
CA GLU B 210 -2.11 23.70 4.69
C GLU B 210 -0.77 23.00 4.47
N PHE B 211 -0.33 22.88 3.21
CA PHE B 211 0.96 22.22 2.95
C PHE B 211 2.05 23.19 2.54
N CYS B 212 1.74 24.48 2.62
CA CYS B 212 2.66 25.53 2.22
C CYS B 212 3.24 25.24 0.82
N GLY B 213 2.35 24.94 -0.12
CA GLY B 213 2.78 24.65 -1.49
C GLY B 213 3.41 23.29 -1.79
N ARG B 214 3.66 22.46 -0.78
CA ARG B 214 4.27 21.14 -1.08
C ARG B 214 3.34 20.27 -1.95
N ILE B 215 2.05 20.40 -1.74
CA ILE B 215 1.12 19.79 -2.67
C ILE B 215 0.75 20.83 -3.75
N HIS B 216 1.03 20.50 -5.00
CA HIS B 216 0.74 21.40 -6.13
C HIS B 216 -0.73 21.51 -6.38
N THR B 217 -1.17 22.73 -6.73
CA THR B 217 -2.56 22.95 -7.09
C THR B 217 -2.68 23.54 -8.49
N ARG B 218 -3.63 23.02 -9.25
CA ARG B 218 -3.88 23.50 -10.62
C ARG B 218 -5.37 23.69 -10.82
N TYR B 219 -5.75 24.87 -11.29
CA TYR B 219 -7.15 25.09 -11.66
C TYR B 219 -7.52 24.03 -12.72
N SER B 220 -8.72 23.46 -12.61
CA SER B 220 -9.08 22.36 -13.48
C SER B 220 -9.62 22.84 -14.86
N SER B 221 -8.75 23.47 -15.64
CA SER B 221 -9.04 23.77 -17.04
C SER B 221 -8.76 22.49 -17.84
N ALA B 222 -9.33 22.41 -19.04
CA ALA B 222 -9.10 21.25 -19.92
C ALA B 222 -7.61 21.04 -20.14
N TYR B 223 -6.90 22.12 -20.37
CA TYR B 223 -5.47 22.08 -20.59
C TYR B 223 -4.68 21.50 -19.39
N GLU B 224 -4.93 22.04 -18.19
CA GLU B 224 -4.19 21.58 -16.99
C GLU B 224 -4.51 20.12 -16.69
N LEU B 225 -5.79 19.75 -16.82
CA LEU B 225 -6.23 18.42 -16.49
C LEU B 225 -5.60 17.38 -17.42
N GLU B 226 -5.72 17.58 -18.73
CA GLU B 226 -5.13 16.67 -19.69
C GLU B 226 -3.62 16.58 -19.53
N GLY B 227 -2.96 17.72 -19.38
CA GLY B 227 -1.51 17.75 -19.18
C GLY B 227 -1.07 16.95 -17.94
N ALA B 228 -1.77 17.16 -16.84
CA ALA B 228 -1.41 16.47 -15.58
C ALA B 228 -1.63 14.97 -15.72
N VAL B 229 -2.75 14.57 -16.32
CA VAL B 229 -3.07 13.14 -16.47
C VAL B 229 -2.02 12.40 -17.33
N LYS B 230 -1.58 13.03 -18.42
CA LYS B 230 -0.60 12.41 -19.32
C LYS B 230 0.72 12.17 -18.64
N ARG B 231 1.06 13.02 -17.68
CA ARG B 231 2.31 12.92 -16.96
C ARG B 231 2.24 11.97 -15.75
N ALA B 232 1.03 11.60 -15.34
CA ALA B 232 0.82 10.94 -14.07
C ALA B 232 1.20 9.46 -14.09
N ASP B 233 1.79 8.99 -12.99
CA ASP B 233 1.90 7.54 -12.69
C ASP B 233 0.61 6.99 -12.05
N LEU B 234 -0.08 7.83 -11.31
CA LEU B 234 -1.26 7.46 -10.57
C LEU B 234 -2.22 8.62 -10.61
N VAL B 235 -3.46 8.33 -11.01
CA VAL B 235 -4.53 9.31 -11.02
C VAL B 235 -5.61 8.82 -10.04
N ILE B 236 -6.11 9.74 -9.22
CA ILE B 236 -7.15 9.45 -8.22
C ILE B 236 -8.33 10.37 -8.56
N GLY B 237 -9.46 9.80 -8.94
CA GLY B 237 -10.66 10.58 -9.28
C GLY B 237 -11.55 10.76 -8.07
N ALA B 238 -11.73 12.01 -7.63
CA ALA B 238 -12.38 12.26 -6.36
C ALA B 238 -13.34 13.46 -6.42
N VAL B 239 -14.02 13.62 -7.56
CA VAL B 239 -14.94 14.75 -7.72
C VAL B 239 -16.34 14.34 -7.29
N LEU B 240 -17.16 15.34 -6.95
CA LEU B 240 -18.54 15.10 -6.54
C LEU B 240 -19.36 16.32 -6.80
N VAL B 241 -20.57 16.10 -7.32
CA VAL B 241 -21.65 17.07 -7.17
C VAL B 241 -22.71 16.35 -6.32
N PRO B 242 -23.00 16.89 -5.12
CA PRO B 242 -23.77 16.11 -4.12
C PRO B 242 -25.07 15.50 -4.65
N GLY B 243 -25.25 14.19 -4.42
CA GLY B 243 -26.41 13.43 -4.87
C GLY B 243 -26.49 13.11 -6.34
N ALA B 244 -25.52 13.59 -7.12
CA ALA B 244 -25.52 13.49 -8.59
C ALA B 244 -24.60 12.41 -9.12
N LYS B 245 -24.88 11.95 -10.33
CA LYS B 245 -23.97 11.12 -11.08
C LYS B 245 -22.69 11.91 -11.36
N ALA B 246 -21.53 11.28 -11.16
CA ALA B 246 -20.24 11.92 -11.40
C ALA B 246 -20.09 12.40 -12.86
N PRO B 247 -19.53 13.60 -13.06
CA PRO B 247 -19.15 13.98 -14.41
C PRO B 247 -17.97 13.14 -14.93
N LYS B 248 -17.96 12.89 -16.23
CA LYS B 248 -16.89 12.11 -16.85
C LYS B 248 -15.79 13.06 -17.29
N LEU B 249 -14.71 13.06 -16.53
CA LEU B 249 -13.64 14.02 -16.67
C LEU B 249 -12.42 13.47 -17.41
N VAL B 250 -12.22 12.16 -17.40
CA VAL B 250 -11.05 11.54 -18.04
C VAL B 250 -11.56 10.60 -19.13
N SER B 251 -11.31 10.96 -20.39
CA SER B 251 -11.79 10.16 -21.52
C SER B 251 -10.87 8.97 -21.74
N ASN B 252 -11.41 7.92 -22.36
CA ASN B 252 -10.62 6.77 -22.77
C ASN B 252 -9.54 7.14 -23.76
N SER B 253 -9.84 8.16 -24.55
CA SER B 253 -8.89 8.72 -25.51
C SER B 253 -7.70 9.30 -24.76
N LEU B 254 -7.97 10.03 -23.69
CA LEU B 254 -6.90 10.56 -22.85
C LEU B 254 -6.09 9.41 -22.23
N VAL B 255 -6.79 8.41 -21.69
CA VAL B 255 -6.14 7.23 -21.11
C VAL B 255 -5.20 6.51 -22.10
N ALA B 256 -5.55 6.48 -23.39
CA ALA B 256 -4.68 5.88 -24.39
C ALA B 256 -3.31 6.59 -24.51
N HIS B 257 -3.23 7.86 -24.11
CA HIS B 257 -2.01 8.64 -24.17
C HIS B 257 -1.16 8.65 -22.87
N MET B 258 -1.62 7.89 -21.86
CA MET B 258 -0.94 7.83 -20.55
C MET B 258 0.27 6.92 -20.61
N LYS B 259 1.18 7.02 -19.64
CA LYS B 259 2.31 6.09 -19.58
C LYS B 259 1.85 4.66 -19.31
N PRO B 260 2.46 3.66 -19.96
CA PRO B 260 2.12 2.25 -19.76
C PRO B 260 2.31 1.83 -18.32
N GLY B 261 1.31 1.16 -17.76
CA GLY B 261 1.38 0.71 -16.39
C GLY B 261 0.99 1.78 -15.34
N ALA B 262 0.51 2.94 -15.79
CA ALA B 262 -0.11 3.91 -14.87
C ALA B 262 -1.35 3.28 -14.25
N VAL B 263 -1.71 3.80 -13.07
CA VAL B 263 -2.84 3.32 -12.29
C VAL B 263 -3.84 4.43 -12.11
N LEU B 264 -5.12 4.12 -12.30
CA LEU B 264 -6.18 5.11 -12.06
C LEU B 264 -7.18 4.58 -11.02
N VAL B 265 -7.30 5.30 -9.90
CA VAL B 265 -8.22 4.91 -8.86
C VAL B 265 -9.44 5.84 -8.90
N ASP B 266 -10.61 5.28 -9.24
CA ASP B 266 -11.81 6.07 -9.37
C ASP B 266 -12.64 6.00 -8.09
N ILE B 267 -12.38 6.91 -7.15
CA ILE B 267 -13.12 6.93 -5.87
C ILE B 267 -14.59 7.24 -6.14
N ALA B 268 -14.82 8.09 -7.15
CA ALA B 268 -16.16 8.56 -7.53
C ALA B 268 -17.04 7.45 -8.18
N ILE B 269 -16.49 6.25 -8.31
CA ILE B 269 -17.25 5.10 -8.85
C ILE B 269 -18.61 4.89 -8.15
N ASP B 270 -18.71 5.18 -6.85
CA ASP B 270 -19.98 5.03 -6.13
C ASP B 270 -21.10 5.91 -6.72
N GLN B 271 -20.72 7.02 -7.35
CA GLN B 271 -21.69 7.89 -8.02
C GLN B 271 -21.64 7.74 -9.54
N GLY B 272 -21.06 6.64 -10.01
CA GLY B 272 -20.99 6.33 -11.45
C GLY B 272 -19.60 6.42 -12.06
N GLY B 273 -18.68 7.10 -11.37
CA GLY B 273 -17.29 7.14 -11.81
C GLY B 273 -16.99 8.40 -12.59
N CYS B 274 -15.84 9.02 -12.31
CA CYS B 274 -15.47 10.20 -13.08
C CYS B 274 -14.50 9.92 -14.23
N PHE B 275 -14.16 8.65 -14.44
CA PHE B 275 -13.46 8.25 -15.65
C PHE B 275 -14.47 7.60 -16.60
N GLU B 276 -14.37 7.96 -17.87
CA GLU B 276 -15.19 7.36 -18.92
C GLU B 276 -15.10 5.84 -18.92
N GLY B 277 -13.90 5.31 -18.73
CA GLY B 277 -13.70 3.86 -18.76
C GLY B 277 -14.05 3.10 -17.50
N SER B 278 -14.57 3.78 -16.48
CA SER B 278 -14.86 3.12 -15.21
C SER B 278 -16.10 2.20 -15.20
N ARG B 279 -15.96 1.09 -14.47
CA ARG B 279 -17.06 0.21 -14.14
C ARG B 279 -16.77 -0.42 -12.78
N PRO B 280 -17.82 -0.66 -11.98
CA PRO B 280 -17.51 -1.06 -10.61
C PRO B 280 -16.81 -2.41 -10.52
N THR B 281 -15.81 -2.48 -9.65
CA THR B 281 -15.07 -3.69 -9.38
C THR B 281 -15.30 -4.05 -7.93
N THR B 282 -14.80 -5.19 -7.50
CA THR B 282 -14.96 -5.55 -6.10
C THR B 282 -13.60 -5.82 -5.49
N TYR B 283 -13.56 -6.01 -4.17
CA TYR B 283 -12.30 -6.32 -3.50
C TYR B 283 -11.71 -7.67 -3.96
N ASP B 284 -12.57 -8.61 -4.34
CA ASP B 284 -12.13 -9.86 -4.95
C ASP B 284 -11.41 -9.66 -6.29
N HIS B 285 -11.91 -8.75 -7.11
CA HIS B 285 -11.29 -8.47 -8.42
C HIS B 285 -11.31 -6.95 -8.63
N PRO B 286 -10.36 -6.24 -8.02
CA PRO B 286 -10.47 -4.78 -7.93
C PRO B 286 -10.08 -4.00 -9.18
N THR B 287 -9.27 -4.62 -10.05
CA THR B 287 -8.68 -3.92 -11.19
C THR B 287 -8.98 -4.55 -12.55
N PHE B 288 -8.92 -3.71 -13.58
CA PHE B 288 -8.98 -4.18 -14.94
C PHE B 288 -8.18 -3.26 -15.85
N ALA B 289 -7.88 -3.75 -17.05
CA ALA B 289 -7.08 -3.04 -18.03
C ALA B 289 -7.91 -2.04 -18.82
N VAL B 290 -7.45 -0.80 -18.92
CA VAL B 290 -7.88 0.08 -20.00
C VAL B 290 -6.71 0.64 -20.71
N HIS B 291 -6.68 0.33 -22.02
CA HIS B 291 -5.51 0.48 -22.86
C HIS B 291 -4.34 -0.10 -22.10
N ASP B 292 -3.28 0.66 -21.89
CA ASP B 292 -2.11 0.13 -21.21
C ASP B 292 -2.06 0.50 -19.72
N THR B 293 -3.21 0.88 -19.15
CA THR B 293 -3.28 1.26 -17.75
C THR B 293 -4.14 0.28 -16.96
N LEU B 294 -4.17 0.48 -15.64
CA LEU B 294 -4.88 -0.37 -14.71
C LEU B 294 -5.88 0.53 -13.99
N PHE B 295 -7.16 0.18 -14.06
CA PHE B 295 -8.21 0.94 -13.39
C PHE B 295 -8.57 0.24 -12.09
N TYR B 296 -8.82 1.00 -11.04
CA TYR B 296 -9.26 0.45 -9.78
C TYR B 296 -10.57 1.18 -9.44
N CYS B 297 -11.67 0.43 -9.29
CA CYS B 297 -12.99 1.06 -9.20
C CYS B 297 -13.91 0.46 -8.15
N VAL B 298 -13.46 0.44 -6.90
CA VAL B 298 -14.19 -0.23 -5.83
C VAL B 298 -15.16 0.76 -5.17
N ALA B 299 -16.46 0.44 -5.21
CA ALA B 299 -17.53 1.32 -4.71
C ALA B 299 -17.76 1.18 -3.20
N ASN B 300 -17.00 0.29 -2.55
CA ASN B 300 -17.10 0.18 -1.11
C ASN B 300 -15.74 0.11 -0.43
N MET B 301 -14.86 1.05 -0.81
CA MET B 301 -13.47 1.02 -0.35
C MET B 301 -13.33 0.90 1.18
N PRO B 302 -14.11 1.67 1.98
CA PRO B 302 -13.85 1.58 3.44
C PRO B 302 -14.12 0.22 4.09
N ALA B 303 -14.72 -0.70 3.34
CA ALA B 303 -15.07 -2.04 3.83
C ALA B 303 -13.83 -2.83 4.26
N SER B 304 -12.69 -2.55 3.64
CA SER B 304 -11.47 -3.30 3.94
C SER B 304 -10.80 -2.90 5.27
N VAL B 305 -11.23 -1.78 5.85
CA VAL B 305 -10.63 -1.30 7.11
C VAL B 305 -11.75 -1.08 8.14
N PRO B 306 -12.57 -2.12 8.38
CA PRO B 306 -13.79 -1.97 9.19
C PRO B 306 -13.52 -1.55 10.62
N LYS B 307 -12.37 -1.92 11.19
CA LYS B 307 -12.06 -1.49 12.56
C LYS B 307 -11.93 0.03 12.63
N THR B 308 -11.52 0.66 11.53
CA THR B 308 -11.50 2.12 11.43
C THR B 308 -12.86 2.67 10.96
N SER B 309 -13.40 2.12 9.88
CA SER B 309 -14.51 2.77 9.21
C SER B 309 -15.88 2.54 9.85
N THR B 310 -16.07 1.39 10.49
CA THR B 310 -17.33 1.21 11.24
C THR B 310 -17.49 2.32 12.30
N TYR B 311 -16.42 2.59 13.04
CA TYR B 311 -16.48 3.59 14.08
C TYR B 311 -16.57 4.99 13.52
N ALA B 312 -15.75 5.29 12.51
CA ALA B 312 -15.82 6.60 11.85
C ALA B 312 -17.23 6.90 11.38
N LEU B 313 -17.90 5.91 10.80
CA LEU B 313 -19.21 6.12 10.23
C LEU B 313 -20.24 6.34 11.34
N THR B 314 -20.24 5.45 12.32
CA THR B 314 -21.24 5.51 13.40
C THR B 314 -21.05 6.69 14.37
N ASN B 315 -19.82 7.15 14.58
CA ASN B 315 -19.59 8.42 15.29
C ASN B 315 -20.44 9.52 14.65
N ALA B 316 -20.49 9.53 13.32
CA ALA B 316 -21.24 10.52 12.54
C ALA B 316 -22.78 10.26 12.49
N THR B 317 -23.18 9.02 12.24
CA THR B 317 -24.60 8.74 11.97
C THR B 317 -25.48 8.71 13.23
N MET B 318 -24.88 8.32 14.35
CA MET B 318 -25.66 8.02 15.54
C MET B 318 -26.63 9.15 16.01
N PRO B 319 -26.17 10.40 16.09
CA PRO B 319 -27.12 11.45 16.48
C PRO B 319 -28.34 11.51 15.58
N TYR B 320 -28.18 11.18 14.29
CA TYR B 320 -29.29 11.16 13.34
C TYR B 320 -30.17 9.93 13.52
N VAL B 321 -29.54 8.79 13.83
CA VAL B 321 -30.25 7.55 14.13
C VAL B 321 -31.19 7.74 15.34
N LEU B 322 -30.67 8.39 16.39
CA LEU B 322 -31.42 8.64 17.61
C LEU B 322 -32.64 9.52 17.38
N GLU B 323 -32.50 10.56 16.57
CA GLU B 323 -33.61 11.45 16.27
CA GLU B 323 -33.60 11.47 16.22
C GLU B 323 -34.69 10.74 15.44
N LEU B 324 -34.27 9.90 14.50
CA LEU B 324 -35.20 9.09 13.69
C LEU B 324 -35.97 8.08 14.54
N ALA B 325 -35.26 7.45 15.49
CA ALA B 325 -35.90 6.47 16.33
C ALA B 325 -36.85 7.15 17.30
N ASP B 326 -36.40 8.24 17.93
CA ASP B 326 -37.23 8.96 18.92
C ASP B 326 -38.51 9.54 18.36
N HIS B 327 -38.45 10.08 17.14
CA HIS B 327 -39.52 10.92 16.61
C HIS B 327 -40.16 10.43 15.31
N GLY B 328 -39.54 9.46 14.66
CA GLY B 328 -39.98 9.00 13.35
C GLY B 328 -39.50 9.92 12.26
N TRP B 329 -39.59 9.48 11.00
CA TRP B 329 -38.95 10.22 9.91
C TRP B 329 -39.53 11.62 9.69
N ARG B 330 -40.86 11.73 9.71
CA ARG B 330 -41.53 12.99 9.40
C ARG B 330 -41.15 14.09 10.40
N ALA B 331 -41.26 13.79 11.70
CA ALA B 331 -40.91 14.75 12.75
C ALA B 331 -39.41 15.03 12.82
N ALA B 332 -38.59 13.99 12.63
CA ALA B 332 -37.15 14.18 12.61
C ALA B 332 -36.74 15.09 11.45
N CYS B 333 -37.23 14.81 10.25
CA CYS B 333 -36.92 15.63 9.08
C CYS B 333 -37.47 17.04 9.16
N ARG B 334 -38.66 17.16 9.78
CA ARG B 334 -39.26 18.47 10.01
C ARG B 334 -38.39 19.33 10.95
N SER B 335 -37.83 18.69 11.98
CA SER B 335 -37.00 19.38 12.95
C SER B 335 -35.57 19.64 12.48
N ASN B 336 -35.10 18.83 11.53
CA ASN B 336 -33.70 18.87 11.09
C ASN B 336 -33.62 18.93 9.56
N PRO B 337 -33.43 20.15 9.02
CA PRO B 337 -33.30 20.38 7.58
C PRO B 337 -32.17 19.58 6.96
N ALA B 338 -31.07 19.40 7.70
CA ALA B 338 -29.95 18.60 7.21
C ALA B 338 -30.39 17.16 6.96
N LEU B 339 -31.00 16.54 7.97
CA LEU B 339 -31.62 15.22 7.85
C LEU B 339 -32.58 15.14 6.66
N ALA B 340 -33.51 16.10 6.60
CA ALA B 340 -34.50 16.17 5.52
C ALA B 340 -33.90 16.18 4.11
N LYS B 341 -32.68 16.67 3.96
CA LYS B 341 -32.02 16.70 2.65
C LYS B 341 -31.59 15.31 2.17
N GLY B 342 -31.54 14.37 3.09
CA GLY B 342 -31.22 12.99 2.76
C GLY B 342 -32.43 12.21 2.25
N LEU B 343 -33.63 12.76 2.46
CA LEU B 343 -34.86 12.13 1.99
C LEU B 343 -34.75 11.77 0.50
N SER B 344 -35.03 10.52 0.18
CA SER B 344 -34.85 10.01 -1.18
C SER B 344 -36.13 9.44 -1.80
N THR B 345 -36.82 8.55 -1.07
CA THR B 345 -38.08 8.00 -1.54
C THR B 345 -39.10 7.93 -0.43
N HIS B 346 -40.38 7.89 -0.83
CA HIS B 346 -41.48 7.66 0.10
C HIS B 346 -42.69 7.29 -0.74
N GLU B 347 -43.27 6.12 -0.47
CA GLU B 347 -44.50 5.63 -1.11
C GLU B 347 -44.54 5.84 -2.63
N GLY B 348 -43.42 5.51 -3.28
CA GLY B 348 -43.31 5.56 -4.72
C GLY B 348 -42.91 6.90 -5.30
N ALA B 349 -42.73 7.89 -4.43
CA ALA B 349 -42.27 9.21 -4.86
C ALA B 349 -40.76 9.38 -4.70
N LEU B 350 -40.10 9.90 -5.74
CA LEU B 350 -38.69 10.20 -5.66
C LEU B 350 -38.48 11.66 -5.23
N LEU B 351 -37.76 11.85 -4.13
CA LEU B 351 -37.71 13.14 -3.43
C LEU B 351 -36.44 13.96 -3.66
N SER B 352 -35.55 13.44 -4.50
CA SER B 352 -34.33 14.14 -4.83
C SER B 352 -34.41 14.64 -6.25
N GLU B 353 -34.27 15.95 -6.42
CA GLU B 353 -34.33 16.58 -7.73
C GLU B 353 -33.16 16.18 -8.63
N ARG B 354 -31.95 16.13 -8.06
CA ARG B 354 -30.75 15.77 -8.82
C ARG B 354 -30.79 14.31 -9.29
N VAL B 355 -31.19 13.41 -8.41
CA VAL B 355 -31.40 12.01 -8.79
C VAL B 355 -32.44 11.88 -9.92
N ALA B 356 -33.58 12.53 -9.76
CA ALA B 356 -34.67 12.49 -10.76
C ALA B 356 -34.23 12.99 -12.15
N THR B 357 -33.47 14.09 -12.15
CA THR B 357 -32.85 14.65 -13.35
C THR B 357 -31.87 13.67 -14.01
N ASP B 358 -30.94 13.11 -13.22
CA ASP B 358 -29.92 12.19 -13.75
C ASP B 358 -30.49 10.88 -14.31
N LEU B 359 -31.61 10.45 -13.74
CA LEU B 359 -32.24 9.20 -14.14
C LEU B 359 -33.35 9.41 -15.17
N GLY B 360 -33.85 10.65 -15.29
CA GLY B 360 -34.89 10.99 -16.24
C GLY B 360 -36.20 10.41 -15.77
N VAL B 361 -36.53 10.73 -14.52
CA VAL B 361 -37.61 10.10 -13.80
C VAL B 361 -38.34 11.20 -13.00
N PRO B 362 -39.67 11.09 -12.83
CA PRO B 362 -40.39 12.21 -12.21
C PRO B 362 -39.93 12.56 -10.78
N PHE B 363 -39.90 13.86 -10.49
CA PHE B 363 -39.52 14.38 -9.19
C PHE B 363 -40.74 14.89 -8.42
N THR B 364 -40.83 14.56 -7.13
CA THR B 364 -41.82 15.17 -6.26
C THR B 364 -41.12 15.89 -5.10
N GLU B 365 -41.62 17.08 -4.79
CA GLU B 365 -41.03 17.95 -3.77
C GLU B 365 -41.12 17.34 -2.38
N PRO B 366 -40.02 17.39 -1.60
CA PRO B 366 -40.00 16.80 -0.24
C PRO B 366 -40.93 17.53 0.73
N ALA B 367 -41.07 18.84 0.57
CA ALA B 367 -41.97 19.64 1.40
C ALA B 367 -43.40 19.11 1.33
N SER B 368 -43.76 18.56 0.16
CA SER B 368 -45.08 17.97 -0.05
C SER B 368 -45.36 16.75 0.85
N VAL B 369 -44.35 15.90 1.04
CA VAL B 369 -44.53 14.71 1.87
C VAL B 369 -44.30 15.01 3.37
N LEU B 370 -43.71 16.17 3.64
CA LEU B 370 -43.39 16.61 5.00
C LEU B 370 -44.48 17.47 5.63
N ALA B 371 -45.14 18.30 4.82
CA ALA B 371 -46.29 19.09 5.28
C ALA B 371 -47.56 18.23 5.35
PA NAI C . 21.84 -0.53 8.93
O1A NAI C . 23.16 -1.06 9.36
O2A NAI C . 21.71 0.86 8.29
O5B NAI C . 20.87 -0.58 10.21
C5B NAI C . 20.70 -1.74 11.04
C4B NAI C . 20.33 -1.27 12.46
O4B NAI C . 19.98 -2.40 13.27
C3B NAI C . 21.51 -0.57 13.14
O3B NAI C . 21.11 0.74 13.51
C2B NAI C . 21.82 -1.44 14.36
O2B NAI C . 22.27 -0.76 15.56
C1B NAI C . 20.49 -2.14 14.57
N9A NAI C . 20.65 -3.38 15.34
C8A NAI C . 21.62 -4.34 15.19
N7A NAI C . 21.42 -5.32 16.10
C5A NAI C . 20.34 -4.99 16.83
C6A NAI C . 19.59 -5.59 17.95
N6A NAI C . 20.00 -6.77 18.47
N1A NAI C . 18.51 -4.91 18.41
C2A NAI C . 18.09 -3.72 17.90
N3A NAI C . 18.72 -3.12 16.86
C4A NAI C . 19.82 -3.71 16.31
O3 NAI C . 21.17 -1.65 8.01
PN NAI C . 20.09 -1.45 6.89
O1N NAI C . 20.75 -1.00 5.61
O2N NAI C . 18.88 -0.70 7.39
O5D NAI C . 19.65 -2.97 6.69
C5D NAI C . 18.74 -3.70 7.51
C4D NAI C . 18.46 -5.05 6.85
O4D NAI C . 17.67 -4.85 5.66
C3D NAI C . 19.74 -5.77 6.37
O3D NAI C . 19.68 -7.19 6.60
C2D NAI C . 19.70 -5.55 4.87
O2D NAI C . 20.54 -6.49 4.17
C1D NAI C . 18.20 -5.73 4.67
N1N NAI C . 17.70 -5.45 3.32
C2N NAI C . 16.76 -6.30 2.85
C3N NAI C . 16.21 -6.13 1.57
C7N NAI C . 15.15 -7.08 1.09
O7N NAI C . 14.88 -7.07 -0.10
N7N NAI C . 14.52 -7.89 1.96
C4N NAI C . 16.66 -5.06 0.78
C5N NAI C . 17.61 -4.19 1.31
C6N NAI C . 18.13 -4.39 2.59
PA NAI D . -16.49 16.79 -1.76
O1A NAI D . -17.76 17.49 -2.10
O2A NAI D . -15.80 17.00 -0.43
O5B NAI D . -15.38 17.09 -2.88
C5B NAI D . -15.67 17.02 -4.29
C4B NAI D . -14.81 18.04 -5.03
O4B NAI D . -14.97 17.79 -6.43
C3B NAI D . -15.28 19.48 -4.80
O3B NAI D . -14.21 20.23 -4.27
C2B NAI D . -15.70 19.99 -6.17
O2B NAI D . -15.44 21.41 -6.43
C1B NAI D . -14.91 19.06 -7.07
N9A NAI D . -15.48 19.01 -8.43
C8A NAI D . -16.79 18.85 -8.76
N7A NAI D . -16.92 18.87 -10.11
C5A NAI D . -15.67 19.02 -10.63
C6A NAI D . -15.10 19.13 -11.98
N6A NAI D . -15.92 19.06 -13.06
N1A NAI D . -13.76 19.29 -12.10
C2A NAI D . -12.93 19.36 -11.03
N3A NAI D . -13.40 19.27 -9.75
C4A NAI D . -14.73 19.11 -9.52
O3 NAI D . -16.74 15.21 -2.04
PN NAI D . -15.95 14.01 -1.37
O1N NAI D . -16.55 13.76 -0.01
O2N NAI D . -14.45 14.16 -1.49
O5D NAI D . -16.34 12.75 -2.28
C5D NAI D . -15.79 12.55 -3.59
C4D NAI D . -16.37 11.25 -4.14
O4D NAI D . -15.88 10.14 -3.38
C3D NAI D . -17.89 11.17 -4.03
O3D NAI D . -18.47 10.53 -5.20
C2D NAI D . -18.11 10.23 -2.85
O2D NAI D . -19.43 9.68 -2.86
C1D NAI D . -16.98 9.26 -3.15
N1N NAI D . -16.72 8.23 -2.14
C2N NAI D . -16.46 6.99 -2.60
C3N NAI D . -16.21 5.92 -1.73
C7N NAI D . -15.90 4.55 -2.29
O7N NAI D . -15.91 3.60 -1.53
N7N NAI D . -15.58 4.41 -3.60
C4N NAI D . -16.23 6.15 -0.35
C5N NAI D . -16.49 7.45 0.11
C6N NAI D . -16.73 8.48 -0.81
#